data_3C25
#
_entry.id   3C25
#
_cell.length_a   73.890
_cell.length_b   81.712
_cell.length_c   73.583
_cell.angle_alpha   90.000
_cell.angle_beta   99.510
_cell.angle_gamma   90.000
#
_symmetry.space_group_name_H-M   'P 1 21 1'
#
loop_
_entity.id
_entity.type
_entity.pdbx_description
1 polymer "DNA (5'-D(*DCP*DGP*DGP*DAP*DGP*DGP*DCP*DGP*DCP*DGP*DGP*DCP*DCP*DGP*DCP*DGP*DCP*DCP*DGP*DCP*DCP*DG)-3')"
2 polymer "DNA (5'-D(*DCP*DGP*DGP*DCP*DGP*DGP*DCP*DGP*DCP*DGP*DGP*DCP*DCP*DGP*DCP*DGP*DCP*DCP*DTP*DCP*DCP*DG)-3')"
3 polymer 'NotI restriction endonuclease'
4 non-polymer 'FE (III) ION'
5 non-polymer 'CALCIUM ION'
6 water water
#
loop_
_entity_poly.entity_id
_entity_poly.type
_entity_poly.pdbx_seq_one_letter_code
_entity_poly.pdbx_strand_id
1 'polydeoxyribonucleotide'
;(DC)(DG)(DG)(DA)(DG)(DG)(DC)(DG)(DC)(DG)(DG)(DC)(DC)(DG)(DC)(DG)(DC)(DC)(DG)(DC)
(DC)(DG)
;
C
2 'polydeoxyribonucleotide'
;(DC)(DG)(DG)(DC)(DG)(DG)(DC)(DG)(DC)(DG)(DG)(DC)(DC)(DG)(DC)(DG)(DC)(DC)(DT)(DC)
(DC)(DG)
;
D
3 'polypeptide(L)'
;MRSDTSVEPEGANFIAEFFGHRVYPEVVSTEAARNDQATGTCPFLTAAKLVETSCVKAETSRGVCVVNTAVDNERYDWLV
CPNRALDPLFMSAASRKLFGYGPTEPLQFIAAPTLADQAVRDGIREWLDRGVHVVAYFQEKLGGELSISKTDSSPEFSFD
WTLAEVESIYPVPKIKRYGVLEIQTMDFHGSYKHAVGAIDIALVEGIDFHGWLPTPAGRAALSKKMEGPNLSNVFKRTFY
QMAYKFALSGHQRCAGTGFAIPQSVWKSWLRHLANPTLIDNGDGTFSLGDTRNDSENAWIFVFELDPDTDASPRPLAPHL
EIRVNVDTLIDLALRESPRAALGPSGPVATFTDKVEARMLRFWPKTRRRRSTTPGGQRGLFDA
;
A,B
#
loop_
_chem_comp.id
_chem_comp.type
_chem_comp.name
_chem_comp.formula
CA non-polymer 'CALCIUM ION' 'Ca 2'
DA DNA linking 2'-DEOXYADENOSINE-5'-MONOPHOSPHATE 'C10 H14 N5 O6 P'
DC DNA linking 2'-DEOXYCYTIDINE-5'-MONOPHOSPHATE 'C9 H14 N3 O7 P'
DG DNA linking 2'-DEOXYGUANOSINE-5'-MONOPHOSPHATE 'C10 H14 N5 O7 P'
DT DNA linking THYMIDINE-5'-MONOPHOSPHATE 'C10 H15 N2 O8 P'
FE non-polymer 'FE (III) ION' 'Fe 3'
#
# COMPACT_ATOMS: atom_id res chain seq x y z
N ALA C 12 7.68 -24.91 -3.26
CA ALA C 12 7.65 -24.09 -4.50
C ALA C 12 8.33 -22.73 -4.30
N ASN C 13 8.19 -22.16 -3.10
CA ASN C 13 8.78 -20.86 -2.78
C ASN C 13 9.98 -21.03 -1.84
N PHE C 14 11.10 -20.42 -2.18
CA PHE C 14 12.37 -20.65 -1.48
C PHE C 14 13.04 -19.36 -1.03
N ILE C 15 13.59 -19.36 0.19
CA ILE C 15 14.58 -18.37 0.58
C ILE C 15 15.75 -18.55 -0.38
N ALA C 16 16.07 -17.50 -1.11
CA ALA C 16 17.10 -17.56 -2.16
C ALA C 16 18.47 -17.10 -1.67
N GLU C 17 18.49 -16.08 -0.83
CA GLU C 17 19.74 -15.60 -0.22
C GLU C 17 19.64 -15.54 1.30
N PHE C 18 20.68 -16.02 1.96
CA PHE C 18 20.76 -15.99 3.42
C PHE C 18 21.96 -15.14 3.81
N PHE C 19 21.68 -13.96 4.37
CA PHE C 19 22.68 -12.92 4.67
C PHE C 19 23.56 -12.56 3.46
N GLY C 20 22.90 -12.38 2.32
CA GLY C 20 23.57 -11.91 1.11
C GLY C 20 24.13 -12.98 0.20
N HIS C 21 24.07 -14.24 0.63
CA HIS C 21 24.65 -15.34 -0.12
C HIS C 21 23.69 -16.43 -0.56
N ARG C 22 23.72 -16.72 -1.84
CA ARG C 22 22.81 -17.67 -2.48
C ARG C 22 22.68 -18.99 -1.72
N VAL C 23 21.45 -19.47 -1.59
CA VAL C 23 21.18 -20.74 -0.91
C VAL C 23 20.24 -21.68 -1.68
N TYR C 24 19.31 -21.13 -2.47
CA TYR C 24 18.38 -21.99 -3.20
C TYR C 24 18.90 -22.49 -4.57
N PRO C 25 18.89 -21.62 -5.60
CA PRO C 25 19.20 -22.18 -6.93
C PRO C 25 20.55 -22.90 -6.89
N GLU C 26 21.54 -22.23 -6.31
CA GLU C 26 22.83 -22.84 -5.98
C GLU C 26 23.21 -22.40 -4.57
N VAL C 27 23.93 -23.26 -3.85
CA VAL C 27 24.39 -22.94 -2.51
C VAL C 27 25.75 -22.25 -2.52
N VAL C 28 25.85 -21.19 -3.33
CA VAL C 28 27.10 -20.46 -3.57
C VAL C 28 27.74 -19.95 -2.29
N SER C 29 28.63 -20.76 -1.74
CA SER C 29 29.22 -20.46 -0.44
C SER C 29 30.75 -20.59 -0.41
N THR C 30 31.41 -19.46 -0.20
CA THR C 30 32.84 -19.40 0.04
C THR C 30 33.08 -19.37 1.56
N GLU C 31 34.30 -19.04 1.97
CA GLU C 31 34.64 -18.89 3.38
C GLU C 31 33.93 -17.70 4.01
N ALA C 32 33.77 -16.63 3.23
CA ALA C 32 33.10 -15.41 3.68
C ALA C 32 31.59 -15.61 3.83
N ALA C 33 31.04 -16.49 3.00
CA ALA C 33 29.61 -16.83 3.06
C ALA C 33 29.28 -17.58 4.34
N ARG C 34 30.19 -18.46 4.76
CA ARG C 34 30.05 -19.18 6.03
C ARG C 34 30.05 -18.21 7.21
N ASN C 35 30.94 -17.23 7.15
CA ASN C 35 31.13 -16.25 8.22
C ASN C 35 29.97 -15.27 8.38
N ASP C 36 29.51 -14.70 7.26
CA ASP C 36 28.39 -13.76 7.25
C ASP C 36 27.12 -14.37 7.87
N GLN C 37 26.87 -15.62 7.54
CA GLN C 37 25.69 -16.34 7.99
C GLN C 37 25.77 -16.74 9.46
N ALA C 38 26.96 -17.13 9.89
CA ALA C 38 27.19 -17.54 11.28
C ALA C 38 27.12 -16.35 12.24
N THR C 39 27.68 -15.23 11.83
CA THR C 39 27.66 -14.00 12.63
C THR C 39 26.34 -13.27 12.51
N GLY C 40 25.73 -13.35 11.33
CA GLY C 40 24.44 -12.70 11.08
C GLY C 40 24.60 -11.28 10.57
N THR C 41 25.49 -11.10 9.60
CA THR C 41 25.89 -9.79 9.08
C THR C 41 25.35 -9.55 7.66
N CYS C 42 24.60 -8.46 7.44
CA CYS C 42 24.30 -8.01 6.06
C CYS C 42 25.62 -7.46 5.50
N PRO C 43 26.16 -8.11 4.45
CA PRO C 43 27.43 -7.69 3.84
C PRO C 43 27.34 -6.33 3.16
N PHE C 44 26.13 -5.91 2.80
CA PHE C 44 25.91 -4.68 2.03
C PHE C 44 26.01 -3.44 2.91
N LEU C 45 25.49 -3.53 4.14
CA LEU C 45 25.67 -2.45 5.12
C LEU C 45 27.11 -2.40 5.63
N THR C 46 27.72 -3.56 5.79
CA THR C 46 29.11 -3.68 6.25
C THR C 46 30.10 -3.11 5.23
N ALA C 47 29.92 -3.46 3.95
CA ALA C 47 30.78 -2.95 2.88
C ALA C 47 30.61 -1.44 2.65
N ALA C 48 29.39 -0.95 2.86
CA ALA C 48 29.10 0.48 2.69
C ALA C 48 29.68 1.33 3.83
N LYS C 49 29.37 0.96 5.06
CA LYS C 49 29.78 1.72 6.24
C LYS C 49 31.21 1.41 6.70
N LEU C 50 31.79 0.35 6.14
CA LEU C 50 33.13 -0.14 6.51
C LEU C 50 33.25 -0.54 8.00
N VAL C 51 32.09 -0.84 8.59
CA VAL C 51 31.98 -1.31 9.97
C VAL C 51 30.99 -2.48 9.97
N GLU C 52 31.28 -3.53 10.73
CA GLU C 52 30.44 -4.73 10.78
C GLU C 52 29.02 -4.41 11.26
N THR C 53 28.04 -4.86 10.48
CA THR C 53 26.65 -4.55 10.74
C THR C 53 25.76 -5.77 10.48
N SER C 54 25.04 -6.18 11.52
CA SER C 54 24.07 -7.28 11.41
C SER C 54 22.84 -6.83 10.61
N CYS C 55 22.10 -7.79 10.04
CA CYS C 55 20.85 -7.46 9.33
C CYS C 55 19.92 -6.76 10.30
N VAL C 56 19.11 -5.85 9.77
CA VAL C 56 18.24 -5.00 10.56
C VAL C 56 16.93 -5.69 10.97
N LYS C 57 16.69 -6.87 10.39
CA LYS C 57 15.38 -7.51 10.47
C LYS C 57 15.13 -8.22 11.77
N ALA C 58 13.86 -8.32 12.15
CA ALA C 58 13.44 -9.08 13.31
C ALA C 58 13.75 -10.57 13.12
N GLU C 59 13.78 -11.30 14.23
CA GLU C 59 14.09 -12.73 14.25
C GLU C 59 13.31 -13.58 13.25
N THR C 60 12.02 -13.26 13.07
CA THR C 60 11.13 -14.03 12.17
C THR C 60 11.52 -13.97 10.69
N SER C 61 12.35 -13.00 10.31
CA SER C 61 12.84 -12.92 8.94
C SER C 61 14.30 -12.51 8.84
N ARG C 62 15.09 -12.83 9.87
CA ARG C 62 16.50 -12.42 9.94
C ARG C 62 17.34 -13.05 8.83
N GLY C 63 17.96 -12.21 8.00
CA GLY C 63 18.86 -12.65 6.94
C GLY C 63 18.20 -13.08 5.64
N VAL C 64 16.88 -12.99 5.57
CA VAL C 64 16.15 -13.30 4.34
C VAL C 64 16.19 -12.07 3.43
N CYS C 65 17.27 -11.96 2.67
CA CYS C 65 17.49 -10.80 1.82
C CYS C 65 16.81 -11.00 0.44
N VAL C 66 16.63 -12.26 0.01
CA VAL C 66 15.99 -12.59 -1.27
C VAL C 66 15.12 -13.85 -1.17
N VAL C 67 13.97 -13.83 -1.84
CA VAL C 67 13.06 -14.99 -1.91
C VAL C 67 12.76 -15.34 -3.37
N ASN C 68 12.79 -16.63 -3.69
CA ASN C 68 12.57 -17.11 -5.05
C ASN C 68 11.23 -17.82 -5.21
N THR C 69 10.44 -17.38 -6.18
CA THR C 69 9.13 -18.00 -6.47
C THR C 69 8.87 -18.05 -7.96
N ALA C 70 7.84 -18.80 -8.35
CA ALA C 70 7.40 -18.88 -9.73
C ALA C 70 6.07 -18.14 -9.93
N VAL C 71 6.03 -17.27 -10.93
CA VAL C 71 4.77 -16.68 -11.40
C VAL C 71 4.62 -16.96 -12.90
N ASP C 72 3.43 -17.42 -13.29
CA ASP C 72 3.15 -17.85 -14.67
C ASP C 72 4.18 -18.86 -15.20
N ASN C 73 4.56 -19.80 -14.33
CA ASN C 73 5.51 -20.87 -14.65
C ASN C 73 6.95 -20.42 -14.96
N GLU C 74 7.35 -19.30 -14.38
CA GLU C 74 8.71 -18.79 -14.56
C GLU C 74 9.34 -18.41 -13.22
N ARG C 75 10.61 -18.76 -13.04
CA ARG C 75 11.38 -18.49 -11.83
C ARG C 75 11.75 -17.02 -11.68
N TYR C 76 11.61 -16.49 -10.45
CA TYR C 76 11.95 -15.10 -10.18
C TYR C 76 12.57 -14.90 -8.79
N ASP C 77 13.70 -14.20 -8.76
CA ASP C 77 14.29 -13.72 -7.52
C ASP C 77 13.59 -12.45 -7.07
N TRP C 78 13.09 -12.46 -5.83
CA TRP C 78 12.47 -11.26 -5.26
C TRP C 78 13.33 -10.71 -4.14
N LEU C 79 13.91 -9.53 -4.38
CA LEU C 79 14.56 -8.74 -3.33
C LEU C 79 13.49 -8.44 -2.27
N VAL C 80 13.88 -8.57 -1.01
CA VAL C 80 12.94 -8.52 0.10
C VAL C 80 13.45 -7.62 1.25
N CYS C 81 14.56 -6.93 0.99
CA CYS C 81 15.25 -6.06 1.95
C CYS C 81 15.83 -4.90 1.11
N PRO C 82 15.42 -3.65 1.41
CA PRO C 82 15.95 -2.48 0.70
C PRO C 82 17.48 -2.40 0.75
N ASN C 83 18.06 -2.92 1.82
CA ASN C 83 19.51 -2.95 2.01
C ASN C 83 20.21 -3.93 1.06
N ARG C 84 19.47 -4.89 0.52
CA ARG C 84 19.98 -5.79 -0.52
C ARG C 84 20.25 -5.03 -1.84
N ALA C 85 19.53 -3.92 -2.04
CA ALA C 85 19.78 -3.06 -3.20
C ALA C 85 20.66 -1.87 -2.86
N LEU C 86 21.37 -1.96 -1.73
CA LEU C 86 22.32 -0.94 -1.33
C LEU C 86 23.66 -1.23 -2.03
N ASP C 87 23.72 -0.83 -3.29
CA ASP C 87 24.89 -1.05 -4.14
C ASP C 87 25.37 0.30 -4.69
N PRO C 88 26.24 0.99 -3.94
CA PRO C 88 26.75 2.32 -4.32
C PRO C 88 27.26 2.37 -5.75
N LEU C 89 27.99 1.34 -6.16
CA LEU C 89 28.55 1.23 -7.51
C LEU C 89 27.47 1.27 -8.60
N PHE C 90 26.36 0.55 -8.38
CA PHE C 90 25.23 0.60 -9.29
C PHE C 90 24.57 1.98 -9.27
N MET C 91 24.42 2.53 -8.07
CA MET C 91 23.74 3.81 -7.88
C MET C 91 24.52 4.98 -8.48
N SER C 92 25.85 4.87 -8.46
CA SER C 92 26.70 5.88 -9.10
C SER C 92 26.48 5.89 -10.61
N ALA C 93 26.36 4.69 -11.19
CA ALA C 93 26.10 4.55 -12.62
C ALA C 93 24.75 5.15 -13.00
N ALA C 94 23.73 4.84 -12.21
CA ALA C 94 22.38 5.36 -12.40
C ALA C 94 22.34 6.89 -12.19
N SER C 95 23.19 7.37 -11.28
CA SER C 95 23.34 8.81 -11.04
C SER C 95 23.80 9.56 -12.28
N ARG C 96 24.72 8.96 -13.04
CA ARG C 96 25.24 9.54 -14.29
C ARG C 96 24.11 9.88 -15.25
N LYS C 97 23.12 8.99 -15.32
CA LYS C 97 21.97 9.15 -16.19
C LYS C 97 21.02 10.24 -15.67
N LEU C 98 21.03 10.46 -14.36
CA LEU C 98 20.21 11.50 -13.73
C LEU C 98 20.82 12.90 -13.87
N PHE C 99 22.14 12.98 -13.74
CA PHE C 99 22.83 14.28 -13.82
C PHE C 99 23.33 14.60 -15.23
N GLY C 100 23.15 13.67 -16.16
CA GLY C 100 23.50 13.86 -17.56
C GLY C 100 24.98 13.75 -17.88
N TYR C 101 25.68 12.87 -17.17
CA TYR C 101 27.10 12.62 -17.42
C TYR C 101 27.27 11.53 -18.49
N GLY C 102 28.42 11.54 -19.15
CA GLY C 102 28.79 10.49 -20.10
C GLY C 102 29.17 9.20 -19.39
N PRO C 103 29.30 8.09 -20.14
CA PRO C 103 29.65 6.80 -19.53
C PRO C 103 31.10 6.76 -19.03
N THR C 104 31.99 7.46 -19.71
CA THR C 104 33.41 7.48 -19.36
C THR C 104 33.86 8.84 -18.80
N GLU C 105 33.05 9.40 -17.90
CA GLU C 105 33.36 10.68 -17.26
C GLU C 105 33.85 10.48 -15.82
N PRO C 106 34.86 11.25 -15.40
CA PRO C 106 35.35 11.18 -14.02
C PRO C 106 34.26 11.52 -13.00
N LEU C 107 33.98 10.56 -12.12
CA LEU C 107 32.93 10.70 -11.13
C LEU C 107 33.36 10.13 -9.79
N GLN C 108 33.01 10.82 -8.71
CA GLN C 108 33.29 10.35 -7.37
C GLN C 108 31.99 10.29 -6.57
N PHE C 109 31.67 9.09 -6.09
CA PHE C 109 30.40 8.80 -5.43
C PHE C 109 30.64 8.40 -3.98
N ILE C 110 30.53 9.35 -3.07
CA ILE C 110 30.81 9.11 -1.64
C ILE C 110 29.57 9.26 -0.76
N ALA C 111 29.58 8.59 0.39
CA ALA C 111 28.49 8.67 1.36
C ALA C 111 28.53 9.99 2.13
N ALA C 112 27.38 10.42 2.65
CA ALA C 112 27.25 11.68 3.38
C ALA C 112 27.97 11.71 4.75
N PRO C 113 27.92 10.62 5.53
CA PRO C 113 28.68 10.59 6.79
C PRO C 113 30.19 10.78 6.63
N THR C 114 30.72 10.48 5.45
CA THR C 114 32.15 10.63 5.17
C THR C 114 32.59 12.10 5.24
N LEU C 115 31.65 13.01 4.97
CA LEU C 115 31.90 14.45 5.00
C LEU C 115 32.45 14.97 6.34
N ALA C 116 32.31 14.16 7.39
CA ALA C 116 32.86 14.48 8.71
C ALA C 116 34.38 14.38 8.73
N ASP C 117 34.92 13.53 7.86
CA ASP C 117 36.35 13.30 7.75
C ASP C 117 37.03 14.47 7.08
N GLN C 118 38.17 14.93 7.59
CA GLN C 118 38.89 16.03 6.97
C GLN C 118 39.54 15.54 5.72
N ALA C 119 40.11 14.37 5.80
CA ALA C 119 40.88 13.84 4.66
C ALA C 119 40.10 13.80 3.35
N VAL C 120 38.80 13.54 3.43
CA VAL C 120 37.96 13.52 2.22
C VAL C 120 37.43 14.91 1.85
N ARG C 121 37.30 15.78 2.85
CA ARG C 121 36.93 17.18 2.61
C ARG C 121 38.01 17.93 1.84
N ASP C 122 39.27 17.62 2.15
CA ASP C 122 40.41 18.15 1.41
C ASP C 122 40.51 17.50 0.03
N GLY C 123 40.04 16.26 -0.06
CA GLY C 123 40.01 15.51 -1.32
C GLY C 123 38.96 16.04 -2.29
N ILE C 124 37.81 16.43 -1.74
CA ILE C 124 36.70 16.97 -2.54
C ILE C 124 37.08 18.30 -3.19
N ARG C 125 37.74 19.17 -2.43
CA ARG C 125 38.20 20.46 -2.93
C ARG C 125 39.08 20.31 -4.17
N GLU C 126 39.99 19.34 -4.12
CA GLU C 126 40.89 19.06 -5.24
C GLU C 126 40.15 18.52 -6.47
N TRP C 127 39.06 17.79 -6.24
CA TRP C 127 38.23 17.26 -7.33
C TRP C 127 37.42 18.35 -8.03
N LEU C 128 36.97 19.34 -7.26
CA LEU C 128 36.19 20.46 -7.80
C LEU C 128 37.05 21.38 -8.66
N ASP C 129 38.34 21.46 -8.35
CA ASP C 129 39.30 22.24 -9.12
C ASP C 129 39.63 21.58 -10.47
N ARG C 130 39.59 20.26 -10.50
CA ARG C 130 39.91 19.48 -11.71
C ARG C 130 38.72 19.37 -12.67
N GLY C 131 37.53 19.70 -12.19
CA GLY C 131 36.31 19.56 -12.99
C GLY C 131 35.68 18.19 -12.84
N VAL C 132 36.18 17.41 -11.87
CA VAL C 132 35.63 16.10 -11.55
C VAL C 132 34.34 16.28 -10.75
N HIS C 133 33.29 15.59 -11.18
CA HIS C 133 31.98 15.68 -10.53
C HIS C 133 32.00 14.96 -9.18
N VAL C 134 31.50 15.65 -8.16
CA VAL C 134 31.41 15.08 -6.82
C VAL C 134 29.95 15.01 -6.37
N VAL C 135 29.47 13.79 -6.12
CA VAL C 135 28.11 13.57 -5.64
C VAL C 135 28.09 12.81 -4.31
N ALA C 136 27.48 13.43 -3.31
CA ALA C 136 27.29 12.81 -2.00
C ALA C 136 25.84 12.36 -1.85
N TYR C 137 25.65 11.14 -1.34
CA TYR C 137 24.29 10.60 -1.18
C TYR C 137 23.84 10.51 0.26
N PHE C 138 22.56 10.81 0.47
CA PHE C 138 21.91 10.63 1.77
C PHE C 138 20.96 9.44 1.66
N GLN C 139 21.22 8.41 2.47
CA GLN C 139 20.43 7.18 2.47
C GLN C 139 20.12 6.80 3.92
N GLU C 140 19.00 6.12 4.13
CA GLU C 140 18.50 5.78 5.47
C GLU C 140 19.59 5.46 6.50
N LYS C 141 20.47 4.52 6.17
CA LYS C 141 21.50 4.06 7.10
C LYS C 141 22.87 4.69 6.84
N LEU C 142 22.91 5.60 5.86
CA LEU C 142 24.13 6.32 5.50
C LEU C 142 23.83 7.81 5.37
N GLY C 143 23.71 8.49 6.51
CA GLY C 143 23.40 9.91 6.55
C GLY C 143 21.97 10.20 6.98
N GLY C 144 21.08 9.25 6.72
CA GLY C 144 19.65 9.43 6.99
C GLY C 144 18.95 10.03 5.79
N GLU C 145 17.65 9.77 5.68
CA GLU C 145 16.86 10.24 4.56
C GLU C 145 16.53 11.73 4.67
N LEU C 146 16.14 12.33 3.55
CA LEU C 146 15.60 13.69 3.54
C LEU C 146 14.11 13.67 3.23
N SER C 147 13.38 14.57 3.86
CA SER C 147 11.93 14.65 3.69
C SER C 147 11.49 16.04 3.23
N ILE C 148 10.39 16.09 2.49
CA ILE C 148 9.70 17.35 2.25
C ILE C 148 8.41 17.36 3.08
N SER C 149 8.24 18.42 3.85
CA SER C 149 7.14 18.54 4.81
C SER C 149 5.78 18.69 4.13
N LYS C 150 4.72 18.32 4.87
CA LYS C 150 3.35 18.42 4.38
C LYS C 150 2.84 19.87 4.32
N THR C 151 1.84 20.07 3.47
CA THR C 151 1.08 21.33 3.41
C THR C 151 -0.41 20.95 3.43
N ASP C 152 -1.29 21.94 3.33
CA ASP C 152 -2.72 21.71 3.23
C ASP C 152 -3.11 21.15 1.85
N SER C 153 -2.19 21.27 0.89
CA SER C 153 -2.43 20.81 -0.48
C SER C 153 -1.45 19.74 -0.94
N SER C 154 -0.50 19.38 -0.08
CA SER C 154 0.51 18.38 -0.41
C SER C 154 0.88 17.51 0.80
N PRO C 155 1.04 16.19 0.59
CA PRO C 155 1.42 15.33 1.71
C PRO C 155 2.93 15.33 1.93
N GLU C 156 3.35 14.82 3.09
CA GLU C 156 4.76 14.61 3.39
C GLU C 156 5.30 13.45 2.55
N PHE C 157 6.55 13.57 2.14
CA PHE C 157 7.25 12.55 1.36
C PHE C 157 8.69 12.40 1.82
N SER C 158 9.23 11.19 1.67
CA SER C 158 10.63 10.92 1.96
C SER C 158 11.33 10.32 0.76
N PHE C 159 12.62 10.61 0.62
CA PHE C 159 13.42 10.06 -0.48
C PHE C 159 14.39 9.01 0.03
N ASP C 160 14.46 7.89 -0.67
CA ASP C 160 15.37 6.80 -0.34
C ASP C 160 16.83 7.26 -0.46
N TRP C 161 17.17 7.78 -1.64
CA TRP C 161 18.51 8.30 -1.91
C TRP C 161 18.41 9.74 -2.39
N THR C 162 18.95 10.67 -1.60
CA THR C 162 19.10 12.04 -2.03
C THR C 162 20.55 12.25 -2.49
N LEU C 163 20.71 12.58 -3.76
CA LEU C 163 22.02 12.79 -4.34
C LEU C 163 22.31 14.29 -4.37
N ALA C 164 23.52 14.66 -3.95
CA ALA C 164 23.92 16.06 -3.91
C ALA C 164 25.11 16.32 -4.80
N GLU C 165 24.88 17.05 -5.88
CA GLU C 165 25.96 17.47 -6.79
C GLU C 165 26.64 18.69 -6.20
N VAL C 166 27.88 18.52 -5.77
CA VAL C 166 28.65 19.57 -5.08
C VAL C 166 29.13 20.65 -6.05
N GLU C 167 28.98 21.91 -5.61
CA GLU C 167 29.49 23.06 -6.36
C GLU C 167 30.76 23.59 -5.67
N SER C 168 30.65 23.84 -4.38
CA SER C 168 31.79 24.28 -3.55
C SER C 168 31.60 23.87 -2.09
N ILE C 169 32.72 23.69 -1.38
CA ILE C 169 32.70 23.40 0.05
C ILE C 169 33.73 24.25 0.81
N TYR C 170 34.20 25.33 0.20
CA TYR C 170 35.26 26.16 0.77
C TYR C 170 34.93 26.70 2.17
N PRO C 171 33.95 27.64 2.28
CA PRO C 171 33.54 28.00 3.63
C PRO C 171 32.40 27.11 4.13
N VAL C 172 31.29 27.07 3.38
CA VAL C 172 30.13 26.26 3.69
C VAL C 172 29.79 25.42 2.45
N PRO C 173 29.49 24.11 2.64
CA PRO C 173 29.10 23.25 1.52
C PRO C 173 27.86 23.75 0.78
N LYS C 174 27.98 23.89 -0.54
CA LYS C 174 26.88 24.33 -1.39
C LYS C 174 26.73 23.44 -2.63
N ILE C 175 25.49 23.21 -3.04
CA ILE C 175 25.19 22.29 -4.14
C ILE C 175 24.75 23.00 -5.42
N LYS C 176 25.08 22.38 -6.55
CA LYS C 176 24.65 22.85 -7.86
C LYS C 176 23.24 22.32 -8.14
N ARG C 177 23.10 21.00 -8.08
CA ARG C 177 21.82 20.31 -8.28
C ARG C 177 21.66 19.19 -7.26
N TYR C 178 20.46 18.64 -7.16
CA TYR C 178 20.21 17.44 -6.38
C TYR C 178 19.51 16.36 -7.19
N GLY C 179 19.69 15.10 -6.80
CA GLY C 179 19.06 13.97 -7.48
C GLY C 179 18.32 13.07 -6.52
N VAL C 180 17.38 12.28 -7.05
CA VAL C 180 16.60 11.36 -6.24
C VAL C 180 16.62 9.96 -6.83
N LEU C 181 17.02 8.98 -6.02
CA LEU C 181 16.84 7.58 -6.39
C LEU C 181 15.89 6.93 -5.38
N GLU C 182 14.85 6.30 -5.92
CA GLU C 182 13.89 5.57 -5.10
C GLU C 182 14.06 4.07 -5.35
N ILE C 183 14.19 3.31 -4.27
CA ILE C 183 14.33 1.86 -4.35
C ILE C 183 13.03 1.20 -3.90
N GLN C 184 12.58 0.23 -4.67
CA GLN C 184 11.45 -0.60 -4.27
C GLN C 184 11.81 -2.06 -4.51
N THR C 185 11.67 -2.87 -3.46
CA THR C 185 11.87 -4.29 -3.61
C THR C 185 10.50 -4.98 -3.58
N MET C 186 10.27 -5.91 -2.66
CA MET C 186 9.00 -6.64 -2.61
C MET C 186 8.68 -7.12 -1.20
N ASP C 187 7.41 -7.07 -0.83
CA ASP C 187 6.93 -7.68 0.41
C ASP C 187 6.09 -8.92 0.09
N PHE C 188 5.85 -9.75 1.09
CA PHE C 188 5.28 -11.08 0.85
C PHE C 188 4.01 -11.39 1.64
N HIS C 189 3.40 -12.53 1.30
CA HIS C 189 2.31 -13.11 2.07
C HIS C 189 2.90 -13.97 3.18
N GLY C 190 2.14 -14.15 4.26
CA GLY C 190 2.52 -15.07 5.32
C GLY C 190 3.81 -14.73 6.03
N SER C 191 4.56 -15.76 6.39
CA SER C 191 5.74 -15.59 7.23
C SER C 191 6.93 -16.39 6.67
N TYR C 192 8.13 -15.97 7.06
CA TYR C 192 9.35 -16.77 6.81
C TYR C 192 9.77 -17.51 8.09
N LYS C 193 9.09 -17.21 9.19
CA LYS C 193 9.40 -17.74 10.53
C LYS C 193 9.77 -19.21 10.55
N HIS C 194 9.01 -20.02 9.80
CA HIS C 194 9.17 -21.47 9.83
C HIS C 194 10.38 -21.93 9.02
N ALA C 195 10.61 -21.28 7.88
CA ALA C 195 11.78 -21.55 7.06
C ALA C 195 13.07 -21.07 7.74
N VAL C 196 13.01 -19.88 8.35
CA VAL C 196 14.13 -19.33 9.12
C VAL C 196 14.47 -20.22 10.31
N GLY C 197 13.44 -20.63 11.05
CA GLY C 197 13.59 -21.48 12.23
C GLY C 197 14.19 -22.86 11.95
N ALA C 198 13.83 -23.43 10.81
CA ALA C 198 14.33 -24.75 10.39
C ALA C 198 15.78 -24.71 9.92
N ILE C 199 16.17 -23.65 9.22
CA ILE C 199 17.54 -23.54 8.72
C ILE C 199 18.50 -22.98 9.78
N ASP C 200 17.96 -22.32 10.80
CA ASP C 200 18.76 -21.77 11.88
C ASP C 200 19.29 -22.85 12.82
N ILE C 201 18.50 -23.91 13.03
CA ILE C 201 18.95 -25.04 13.86
C ILE C 201 20.03 -25.87 13.17
N ALA C 202 20.02 -25.86 11.84
CA ALA C 202 21.06 -26.51 11.04
C ALA C 202 22.32 -25.66 10.97
N LEU C 203 22.18 -24.36 11.24
CA LEU C 203 23.30 -23.43 11.27
C LEU C 203 24.10 -23.60 12.55
N VAL C 204 23.40 -23.55 13.69
CA VAL C 204 24.04 -23.61 15.00
C VAL C 204 24.41 -25.05 15.39
N GLU C 205 23.41 -25.93 15.46
CA GLU C 205 23.62 -27.30 15.92
C GLU C 205 24.25 -28.23 14.88
N GLY C 206 24.01 -27.92 13.60
CA GLY C 206 24.52 -28.73 12.50
C GLY C 206 26.03 -28.66 12.32
N ILE C 207 26.61 -29.70 11.74
CA ILE C 207 28.06 -29.77 11.55
C ILE C 207 28.56 -29.32 10.18
N ASP C 208 27.70 -29.44 9.16
CA ASP C 208 28.01 -28.97 7.81
C ASP C 208 26.77 -28.38 7.16
N PHE C 209 26.68 -27.06 7.21
CA PHE C 209 25.50 -26.32 6.78
C PHE C 209 25.35 -26.24 5.26
N HIS C 210 26.40 -25.83 4.57
CA HIS C 210 26.32 -25.67 3.12
C HIS C 210 26.17 -26.99 2.39
N GLY C 211 26.69 -28.05 2.96
CA GLY C 211 26.51 -29.39 2.38
C GLY C 211 25.14 -29.96 2.66
N TRP C 212 24.38 -29.27 3.50
CA TRP C 212 23.04 -29.70 3.91
C TRP C 212 21.94 -28.95 3.17
N LEU C 213 22.25 -27.76 2.66
CA LEU C 213 21.26 -26.92 1.98
C LEU C 213 20.74 -27.47 0.64
N PRO C 214 21.62 -28.08 -0.20
CA PRO C 214 21.12 -28.59 -1.47
C PRO C 214 20.35 -29.91 -1.38
N THR C 215 20.39 -30.56 -0.21
CA THR C 215 19.69 -31.82 0.00
C THR C 215 18.17 -31.61 0.07
N PRO C 216 17.37 -32.63 -0.30
CA PRO C 216 15.90 -32.57 -0.18
C PRO C 216 15.40 -32.09 1.19
N ALA C 217 16.11 -32.43 2.26
CA ALA C 217 15.74 -32.02 3.61
C ALA C 217 15.98 -30.53 3.83
N GLY C 218 17.07 -30.02 3.27
CA GLY C 218 17.42 -28.61 3.33
C GLY C 218 16.56 -27.79 2.38
N ARG C 219 16.28 -28.35 1.21
CA ARG C 219 15.40 -27.71 0.23
C ARG C 219 13.97 -27.60 0.74
N ALA C 220 13.55 -28.59 1.53
CA ALA C 220 12.25 -28.55 2.21
C ALA C 220 12.23 -27.47 3.30
N ALA C 221 13.32 -27.37 4.05
CA ALA C 221 13.45 -26.37 5.11
C ALA C 221 13.46 -24.94 4.57
N LEU C 222 14.14 -24.73 3.44
CA LEU C 222 14.19 -23.42 2.79
C LEU C 222 12.84 -22.99 2.23
N SER C 223 11.91 -23.95 2.10
CA SER C 223 10.62 -23.71 1.50
C SER C 223 9.43 -23.87 2.46
N LYS C 224 9.74 -24.25 3.70
CA LYS C 224 8.71 -24.55 4.70
C LYS C 224 7.77 -23.37 4.96
N LYS C 225 6.53 -23.52 4.49
CA LYS C 225 5.47 -22.50 4.60
C LYS C 225 5.81 -21.14 3.99
N MET C 226 6.68 -21.15 2.99
CA MET C 226 7.04 -19.94 2.26
C MET C 226 5.97 -19.66 1.21
N GLU C 227 5.50 -18.41 1.18
CA GLU C 227 4.39 -18.01 0.30
C GLU C 227 4.87 -17.05 -0.78
N GLY C 228 3.94 -16.55 -1.59
CA GLY C 228 4.27 -15.73 -2.75
C GLY C 228 4.32 -14.25 -2.48
N PRO C 229 4.69 -13.44 -3.50
CA PRO C 229 4.87 -12.00 -3.37
C PRO C 229 3.56 -11.20 -3.33
N ASN C 230 3.60 -10.04 -2.69
CA ASN C 230 2.46 -9.13 -2.56
C ASN C 230 2.48 -8.16 -3.76
N LEU C 231 2.16 -8.70 -4.94
CA LEU C 231 2.40 -8.00 -6.21
C LEU C 231 1.66 -6.67 -6.36
N SER C 232 0.35 -6.71 -6.19
CA SER C 232 -0.48 -5.52 -6.39
C SER C 232 -0.22 -4.47 -5.32
N ASN C 233 0.09 -4.95 -4.12
CA ASN C 233 0.43 -4.07 -3.00
C ASN C 233 1.59 -3.11 -3.31
N VAL C 234 2.69 -3.61 -3.86
CA VAL C 234 3.82 -2.71 -4.13
C VAL C 234 3.52 -1.80 -5.31
N PHE C 235 2.77 -2.28 -6.30
CA PHE C 235 2.40 -1.41 -7.40
C PHE C 235 1.55 -0.24 -6.92
N LYS C 236 0.59 -0.52 -6.05
CA LYS C 236 -0.26 0.52 -5.46
C LYS C 236 0.59 1.59 -4.78
N ARG C 237 1.53 1.16 -3.96
CA ARG C 237 2.38 2.07 -3.18
C ARG C 237 3.45 2.76 -4.02
N THR C 238 4.04 2.03 -4.96
CA THR C 238 5.12 2.58 -5.78
C THR C 238 4.61 3.46 -6.93
N PHE C 239 3.44 3.10 -7.48
CA PHE C 239 2.85 3.88 -8.58
C PHE C 239 2.58 5.33 -8.17
N TYR C 240 1.98 5.49 -7.00
CA TYR C 240 1.65 6.81 -6.46
C TYR C 240 2.90 7.67 -6.28
N GLN C 241 3.92 7.10 -5.64
CA GLN C 241 5.21 7.76 -5.44
C GLN C 241 5.91 8.08 -6.75
N MET C 242 5.72 7.22 -7.76
CA MET C 242 6.26 7.50 -9.10
C MET C 242 5.59 8.73 -9.70
N ALA C 243 4.26 8.68 -9.84
CA ALA C 243 3.50 9.80 -10.41
C ALA C 243 3.77 11.12 -9.70
N TYR C 244 3.80 11.08 -8.37
CA TYR C 244 4.00 12.30 -7.58
C TYR C 244 5.44 12.81 -7.65
N LYS C 245 6.40 11.94 -7.34
CA LYS C 245 7.82 12.33 -7.29
C LYS C 245 8.43 12.62 -8.67
N PHE C 246 7.85 12.07 -9.73
CA PHE C 246 8.27 12.42 -11.09
C PHE C 246 7.86 13.84 -11.46
N ALA C 247 6.70 14.27 -10.97
CA ALA C 247 6.20 15.63 -11.19
C ALA C 247 7.01 16.67 -10.40
N LEU C 248 7.56 16.24 -9.26
CA LEU C 248 8.45 17.07 -8.44
C LEU C 248 9.83 17.22 -9.08
N SER C 249 10.17 16.31 -9.98
CA SER C 249 11.45 16.29 -10.67
C SER C 249 11.56 17.41 -11.71
N GLY C 250 10.40 17.94 -12.11
CA GLY C 250 10.31 19.05 -13.06
C GLY C 250 10.81 20.36 -12.49
N HIS C 251 11.17 20.36 -11.21
CA HIS C 251 11.77 21.52 -10.57
C HIS C 251 13.15 21.77 -11.17
N GLN C 252 13.49 23.06 -11.31
CA GLN C 252 14.74 23.48 -11.95
C GLN C 252 15.98 22.91 -11.27
N ARG C 253 15.98 22.90 -9.95
CA ARG C 253 17.14 22.45 -9.18
C ARG C 253 17.22 20.94 -9.00
N CYS C 254 16.19 20.22 -9.46
CA CYS C 254 16.17 18.77 -9.43
C CYS C 254 16.61 18.20 -10.78
N ALA C 255 17.76 17.55 -10.79
CA ALA C 255 18.39 17.04 -12.00
C ALA C 255 17.65 15.86 -12.63
N GLY C 256 17.01 15.05 -11.79
CA GLY C 256 16.29 13.87 -12.26
C GLY C 256 15.96 12.88 -11.17
N THR C 257 14.83 12.19 -11.34
CA THR C 257 14.38 11.18 -10.40
C THR C 257 14.32 9.81 -11.07
N GLY C 258 14.87 8.80 -10.39
CA GLY C 258 14.90 7.44 -10.91
C GLY C 258 14.45 6.41 -9.89
N PHE C 259 13.65 5.45 -10.34
CA PHE C 259 13.19 4.35 -9.48
C PHE C 259 13.95 3.07 -9.83
N ALA C 260 14.67 2.55 -8.84
CA ALA C 260 15.43 1.31 -8.99
C ALA C 260 14.62 0.11 -8.49
N ILE C 261 14.32 -0.80 -9.40
CA ILE C 261 13.51 -1.99 -9.10
C ILE C 261 14.09 -3.23 -9.77
N PRO C 262 13.91 -4.40 -9.14
CA PRO C 262 14.36 -5.68 -9.72
C PRO C 262 13.59 -6.04 -10.98
N GLN C 263 14.17 -6.93 -11.80
CA GLN C 263 13.53 -7.40 -13.03
C GLN C 263 12.18 -8.05 -12.73
N SER C 264 12.16 -8.90 -11.71
CA SER C 264 10.97 -9.60 -11.29
C SER C 264 9.81 -8.64 -10.97
N VAL C 265 10.11 -7.53 -10.33
CA VAL C 265 9.09 -6.52 -9.99
C VAL C 265 8.59 -5.81 -11.25
N TRP C 266 9.52 -5.49 -12.15
CA TRP C 266 9.17 -4.84 -13.42
C TRP C 266 8.20 -5.67 -14.24
N LYS C 267 8.48 -6.97 -14.35
CA LYS C 267 7.63 -7.90 -15.11
C LYS C 267 6.21 -7.97 -14.52
N SER C 268 6.10 -7.90 -13.20
CA SER C 268 4.81 -7.98 -12.51
C SER C 268 3.97 -6.73 -12.70
N TRP C 269 4.63 -5.64 -13.08
CA TRP C 269 3.97 -4.36 -13.31
C TRP C 269 3.42 -4.24 -14.72
N LEU C 270 3.86 -5.13 -15.61
CA LEU C 270 3.47 -5.07 -17.02
C LEU C 270 1.97 -5.12 -17.25
N ARG C 271 1.27 -6.01 -16.52
CA ARG C 271 -0.19 -6.08 -16.63
C ARG C 271 -0.86 -4.83 -16.03
N HIS C 272 -0.24 -4.25 -15.02
CA HIS C 272 -0.70 -2.99 -14.43
C HIS C 272 -0.52 -1.80 -15.38
N LEU C 273 0.37 -1.94 -16.36
CA LEU C 273 0.61 -0.88 -17.32
C LEU C 273 0.07 -1.22 -18.72
N ALA C 274 -0.96 -2.07 -18.74
CA ALA C 274 -1.63 -2.53 -19.97
C ALA C 274 -0.68 -3.12 -21.01
N ASN C 275 0.26 -3.95 -20.55
CA ASN C 275 1.28 -4.58 -21.38
C ASN C 275 1.94 -3.60 -22.37
N PRO C 276 2.78 -2.70 -21.84
CA PRO C 276 3.31 -1.63 -22.70
C PRO C 276 4.49 -2.08 -23.56
N THR C 277 4.57 -1.51 -24.77
CA THR C 277 5.71 -1.73 -25.65
C THR C 277 6.73 -0.61 -25.46
N LEU C 278 7.94 -0.98 -25.06
CA LEU C 278 9.03 -0.02 -24.91
C LEU C 278 9.59 0.41 -26.26
N ILE C 279 9.89 1.70 -26.38
CA ILE C 279 10.50 2.25 -27.60
C ILE C 279 12.02 2.14 -27.48
N ASP C 280 12.64 1.54 -28.50
CA ASP C 280 14.10 1.39 -28.55
C ASP C 280 14.74 2.66 -29.10
N ASN C 281 15.49 3.35 -28.25
CA ASN C 281 16.10 4.62 -28.61
C ASN C 281 17.43 4.50 -29.37
N GLY C 282 18.00 3.30 -29.37
CA GLY C 282 19.28 3.03 -30.04
C GLY C 282 20.45 3.66 -29.32
N ASP C 283 20.37 3.68 -27.99
CA ASP C 283 21.36 4.34 -27.14
C ASP C 283 21.55 3.52 -25.87
N GLY C 284 21.27 2.22 -25.96
CA GLY C 284 21.31 1.33 -24.80
C GLY C 284 20.20 1.60 -23.81
N THR C 285 19.31 2.54 -24.16
CA THR C 285 18.20 2.94 -23.31
C THR C 285 16.85 2.77 -24.01
N PHE C 286 15.81 2.55 -23.21
CA PHE C 286 14.45 2.39 -23.72
C PHE C 286 13.56 3.51 -23.21
N SER C 287 12.40 3.70 -23.84
CA SER C 287 11.50 4.77 -23.45
C SER C 287 10.05 4.33 -23.32
N LEU C 288 9.39 4.82 -22.28
CA LEU C 288 7.97 4.54 -22.04
C LEU C 288 7.13 5.77 -22.37
N GLY C 289 6.64 5.80 -23.61
CA GLY C 289 5.89 6.95 -24.13
C GLY C 289 6.83 7.99 -24.72
N ASP C 290 6.24 9.04 -25.30
CA ASP C 290 7.00 10.09 -25.97
C ASP C 290 7.75 10.99 -24.99
N THR C 291 9.05 10.75 -24.86
CA THR C 291 9.92 11.57 -24.02
C THR C 291 10.78 12.52 -24.86
N ARG C 292 10.34 12.76 -26.09
CA ARG C 292 11.08 13.60 -27.04
C ARG C 292 10.93 15.11 -26.78
N ASN C 293 10.02 15.48 -25.87
CA ASN C 293 9.73 16.88 -25.57
C ASN C 293 9.33 17.12 -24.12
N ASP C 294 9.61 18.32 -23.62
CA ASP C 294 9.26 18.75 -22.26
C ASP C 294 9.50 17.66 -21.21
N SER C 295 10.75 17.22 -21.11
CA SER C 295 11.12 16.11 -20.23
C SER C 295 11.52 16.58 -18.84
N GLU C 296 11.10 15.82 -17.83
CA GLU C 296 11.49 16.06 -16.44
C GLU C 296 12.47 14.99 -15.95
N ASN C 297 13.28 14.48 -16.87
CA ASN C 297 14.33 13.49 -16.62
C ASN C 297 13.93 12.36 -15.65
N ALA C 298 12.80 11.71 -15.94
CA ALA C 298 12.27 10.66 -15.09
C ALA C 298 12.73 9.28 -15.57
N TRP C 299 13.20 8.45 -14.64
CA TRP C 299 13.82 7.17 -14.96
C TRP C 299 13.29 5.99 -14.16
N ILE C 300 13.26 4.82 -14.80
CA ILE C 300 13.14 3.54 -14.10
C ILE C 300 14.34 2.68 -14.44
N PHE C 301 15.16 2.40 -13.42
CA PHE C 301 16.32 1.51 -13.57
C PHE C 301 15.95 0.10 -13.14
N VAL C 302 15.67 -0.76 -14.11
CA VAL C 302 15.35 -2.15 -13.84
C VAL C 302 16.65 -2.94 -13.76
N PHE C 303 16.91 -3.56 -12.61
CA PHE C 303 18.17 -4.26 -12.40
C PHE C 303 18.03 -5.76 -12.20
N GLU C 304 19.15 -6.47 -12.34
CA GLU C 304 19.23 -7.89 -12.06
C GLU C 304 20.24 -8.15 -10.95
N LEU C 305 20.16 -9.32 -10.33
CA LEU C 305 21.24 -9.81 -9.49
C LEU C 305 22.24 -10.51 -10.41
N ASP C 306 23.38 -9.85 -10.66
CA ASP C 306 24.39 -10.28 -11.62
C ASP C 306 24.59 -11.81 -11.63
N PRO C 307 24.18 -12.46 -12.73
CA PRO C 307 24.30 -13.91 -12.85
C PRO C 307 25.63 -14.39 -13.49
N ASP C 308 26.57 -13.47 -13.64
CA ASP C 308 27.83 -13.75 -14.34
C ASP C 308 29.08 -13.57 -13.48
N THR C 309 28.93 -12.88 -12.35
CA THR C 309 30.08 -12.40 -11.57
C THR C 309 30.91 -13.47 -10.84
N ASP C 310 30.23 -14.46 -10.26
CA ASP C 310 30.86 -15.50 -9.40
C ASP C 310 31.30 -15.00 -8.01
N ALA C 311 31.33 -13.68 -7.82
CA ALA C 311 31.69 -13.08 -6.53
C ALA C 311 30.66 -13.40 -5.44
N SER C 312 31.14 -13.42 -4.19
CA SER C 312 30.38 -13.92 -3.03
C SER C 312 28.93 -13.42 -2.96
N PRO C 313 28.71 -12.13 -2.65
CA PRO C 313 27.35 -11.62 -2.85
C PRO C 313 27.20 -11.02 -4.25
N ARG C 314 26.20 -11.51 -5.00
CA ARG C 314 25.92 -11.02 -6.35
C ARG C 314 25.55 -9.54 -6.31
N PRO C 315 26.34 -8.68 -6.97
CA PRO C 315 26.00 -7.25 -6.99
C PRO C 315 24.89 -6.95 -8.00
N LEU C 316 24.40 -5.72 -8.00
CA LEU C 316 23.37 -5.29 -8.94
C LEU C 316 23.97 -5.00 -10.31
N ALA C 317 23.27 -5.45 -11.34
CA ALA C 317 23.67 -5.19 -12.73
C ALA C 317 22.49 -4.58 -13.47
N PRO C 318 22.75 -3.60 -14.35
CA PRO C 318 21.67 -3.01 -15.14
C PRO C 318 21.05 -4.07 -16.05
N HIS C 319 19.73 -4.02 -16.19
CA HIS C 319 19.00 -4.92 -17.10
C HIS C 319 18.23 -4.10 -18.11
N LEU C 320 17.62 -3.02 -17.64
CA LEU C 320 16.78 -2.17 -18.46
C LEU C 320 16.82 -0.74 -17.91
N GLU C 321 17.10 0.21 -18.79
CA GLU C 321 17.12 1.62 -18.40
C GLU C 321 16.04 2.37 -19.15
N ILE C 322 14.96 2.70 -18.45
CA ILE C 322 13.77 3.26 -19.06
C ILE C 322 13.57 4.71 -18.67
N ARG C 323 13.51 5.57 -19.68
CA ARG C 323 13.15 6.97 -19.50
C ARG C 323 11.63 7.06 -19.65
N VAL C 324 10.96 7.62 -18.65
CA VAL C 324 9.49 7.59 -18.63
C VAL C 324 8.81 8.93 -18.86
N ASN C 325 7.73 8.88 -19.65
CA ASN C 325 6.77 9.96 -19.77
C ASN C 325 5.72 9.77 -18.69
N VAL C 326 5.54 10.79 -17.85
CA VAL C 326 4.70 10.68 -16.65
C VAL C 326 3.21 10.54 -16.99
N ASP C 327 2.74 11.36 -17.93
CA ASP C 327 1.35 11.30 -18.36
C ASP C 327 1.01 9.97 -19.03
N THR C 328 1.98 9.41 -19.75
CA THR C 328 1.84 8.08 -20.34
C THR C 328 1.73 7.02 -19.24
N LEU C 329 2.60 7.10 -18.24
CA LEU C 329 2.57 6.19 -17.09
C LEU C 329 1.23 6.24 -16.36
N ILE C 330 0.72 7.45 -16.15
CA ILE C 330 -0.60 7.65 -15.55
C ILE C 330 -1.70 7.08 -16.44
N ASP C 331 -1.64 7.41 -17.74
CA ASP C 331 -2.65 6.99 -18.72
C ASP C 331 -2.69 5.47 -18.91
N LEU C 332 -1.52 4.84 -18.90
CA LEU C 332 -1.43 3.38 -19.07
C LEU C 332 -2.06 2.62 -17.90
N ALA C 333 -1.77 3.07 -16.69
CA ALA C 333 -2.22 2.39 -15.48
C ALA C 333 -3.68 2.64 -15.11
N LEU C 334 -4.16 3.87 -15.32
CA LEU C 334 -5.49 4.27 -14.84
C LEU C 334 -6.55 4.40 -15.95
N ARG C 335 -6.12 4.30 -17.20
CA ARG C 335 -7.05 4.45 -18.33
C ARG C 335 -6.93 3.33 -19.37
N GLU C 336 -5.73 3.08 -19.86
CA GLU C 336 -5.48 2.02 -20.84
C GLU C 336 -5.81 0.63 -20.30
N SER C 337 -5.31 0.33 -19.10
CA SER C 337 -5.50 -0.99 -18.49
C SER C 337 -6.96 -1.33 -18.19
N PRO C 338 -7.72 -0.41 -17.53
CA PRO C 338 -9.16 -0.63 -17.34
C PRO C 338 -9.95 -0.87 -18.63
N ARG C 339 -9.60 -0.14 -19.71
CA ARG C 339 -10.26 -0.31 -21.00
C ARG C 339 -10.00 -1.69 -21.60
N ALA C 340 -8.82 -2.24 -21.33
CA ALA C 340 -8.48 -3.60 -21.74
C ALA C 340 -9.26 -4.62 -20.93
N ALA C 341 -9.47 -4.33 -19.64
CA ALA C 341 -10.33 -5.13 -18.76
C ALA C 341 -11.79 -5.05 -19.20
N LEU C 342 -12.18 -3.91 -19.79
CA LEU C 342 -13.51 -3.73 -20.35
C LEU C 342 -13.56 -4.19 -21.82
N GLY C 343 -12.55 -4.94 -22.23
CA GLY C 343 -12.42 -5.42 -23.62
C GLY C 343 -13.43 -6.50 -23.98
N PRO C 344 -13.53 -6.82 -25.28
CA PRO C 344 -14.52 -7.76 -25.85
C PRO C 344 -14.53 -9.15 -25.22
N SER C 345 -13.34 -9.67 -24.89
CA SER C 345 -13.22 -10.98 -24.26
C SER C 345 -12.65 -10.88 -22.84
N GLY C 346 -12.59 -9.65 -22.32
CA GLY C 346 -12.04 -9.38 -21.00
C GLY C 346 -12.83 -9.96 -19.84
N PRO C 347 -12.36 -9.74 -18.59
CA PRO C 347 -12.98 -10.33 -17.40
C PRO C 347 -14.33 -9.72 -17.04
N VAL C 348 -14.52 -8.43 -17.32
CA VAL C 348 -15.72 -7.70 -16.92
C VAL C 348 -16.93 -8.06 -17.80
N ALA C 349 -16.64 -8.48 -19.03
CA ALA C 349 -17.67 -8.89 -19.99
C ALA C 349 -18.44 -10.12 -19.50
N THR C 350 -17.74 -11.01 -18.81
CA THR C 350 -18.32 -12.26 -18.32
C THR C 350 -18.70 -12.19 -16.83
N PHE C 351 -18.54 -11.02 -16.23
CA PHE C 351 -18.73 -10.85 -14.78
C PHE C 351 -20.17 -11.08 -14.34
N THR C 352 -21.12 -10.61 -15.15
CA THR C 352 -22.55 -10.77 -14.87
C THR C 352 -22.95 -12.25 -14.74
N ASP C 353 -22.34 -13.09 -15.56
CA ASP C 353 -22.56 -14.53 -15.52
C ASP C 353 -21.93 -15.16 -14.28
N LYS C 354 -20.79 -14.60 -13.84
CA LYS C 354 -20.12 -15.03 -12.62
C LYS C 354 -20.97 -14.77 -11.37
N VAL C 355 -21.62 -13.61 -11.32
CA VAL C 355 -22.52 -13.26 -10.21
C VAL C 355 -23.69 -14.23 -10.14
N GLU C 356 -24.28 -14.54 -11.29
CA GLU C 356 -25.39 -15.49 -11.39
C GLU C 356 -24.95 -16.92 -11.02
N ALA C 357 -23.73 -17.28 -11.38
CA ALA C 357 -23.17 -18.57 -11.02
C ALA C 357 -22.96 -18.68 -9.51
N ARG C 358 -22.47 -17.60 -8.92
CA ARG C 358 -22.22 -17.55 -7.48
C ARG C 358 -23.51 -17.55 -6.67
N MET C 359 -24.56 -16.94 -7.23
CA MET C 359 -25.90 -17.00 -6.63
C MET C 359 -26.46 -18.42 -6.71
N LEU C 360 -26.23 -19.08 -7.85
CA LEU C 360 -26.75 -20.43 -8.11
C LEU C 360 -26.20 -21.51 -7.17
N ARG C 361 -25.02 -21.26 -6.59
CA ARG C 361 -24.38 -22.23 -5.69
C ARG C 361 -25.19 -22.46 -4.40
N PHE C 362 -25.99 -21.47 -4.02
CA PHE C 362 -26.81 -21.56 -2.80
C PHE C 362 -28.07 -22.42 -2.97
N TRP C 363 -28.43 -22.71 -4.21
CA TRP C 363 -29.54 -23.61 -4.52
C TRP C 363 -29.20 -25.05 -4.11
N PRO C 364 -30.15 -25.75 -3.46
CA PRO C 364 -29.91 -27.12 -2.99
C PRO C 364 -29.84 -28.15 -4.13
N LYS C 365 -29.26 -29.30 -3.84
CA LYS C 365 -29.10 -30.41 -4.80
C LYS C 365 -28.39 -29.96 -6.08
N ALA D 12 -1.88 9.90 24.68
CA ALA D 12 -2.02 10.65 23.40
C ALA D 12 -2.92 9.93 22.39
N ASN D 13 -2.66 8.63 22.21
CA ASN D 13 -3.46 7.79 21.32
C ASN D 13 -4.18 6.72 22.13
N PHE D 14 -5.48 6.55 21.90
CA PHE D 14 -6.29 5.67 22.73
C PHE D 14 -7.10 4.68 21.91
N ILE D 15 -7.29 3.48 22.46
CA ILE D 15 -8.27 2.54 21.94
C ILE D 15 -9.66 3.17 22.15
N ALA D 16 -10.35 3.45 21.05
CA ALA D 16 -11.61 4.19 21.10
C ALA D 16 -12.81 3.31 21.45
N GLU D 17 -12.83 2.09 20.91
CA GLU D 17 -13.83 1.10 21.33
C GLU D 17 -13.34 -0.35 21.30
N PHE D 18 -13.85 -1.12 22.25
CA PHE D 18 -13.41 -2.48 22.52
C PHE D 18 -14.61 -3.41 22.29
N PHE D 19 -14.48 -4.31 21.32
CA PHE D 19 -15.56 -5.20 20.88
C PHE D 19 -16.86 -4.46 20.56
N GLY D 20 -16.73 -3.35 19.85
CA GLY D 20 -17.88 -2.60 19.35
C GLY D 20 -18.50 -1.60 20.30
N HIS D 21 -17.94 -1.48 21.52
CA HIS D 21 -18.47 -0.56 22.51
C HIS D 21 -17.42 0.44 22.98
N ARG D 22 -17.80 1.72 22.93
CA ARG D 22 -16.91 2.85 23.21
C ARG D 22 -16.26 2.78 24.60
N VAL D 23 -14.96 3.08 24.64
CA VAL D 23 -14.18 2.99 25.88
C VAL D 23 -13.31 4.21 26.22
N TYR D 24 -12.83 4.93 25.21
CA TYR D 24 -12.01 6.13 25.51
C TYR D 24 -12.84 7.38 25.83
N PRO D 25 -13.46 8.01 24.81
CA PRO D 25 -14.09 9.31 25.07
C PRO D 25 -15.18 9.19 26.13
N GLU D 26 -16.05 8.20 25.97
CA GLU D 26 -17.07 7.87 26.96
C GLU D 26 -17.20 6.35 27.05
N VAL D 27 -17.36 5.84 28.27
CA VAL D 27 -17.48 4.41 28.48
C VAL D 27 -18.95 3.99 28.44
N VAL D 28 -19.31 3.23 27.40
CA VAL D 28 -20.64 2.65 27.29
C VAL D 28 -20.72 1.43 28.19
N SER D 29 -21.52 1.54 29.25
CA SER D 29 -21.55 0.54 30.32
C SER D 29 -22.88 -0.21 30.43
N THR D 30 -23.44 -0.59 29.28
CA THR D 30 -24.65 -1.40 29.23
C THR D 30 -24.32 -2.86 29.55
N GLU D 31 -25.33 -3.65 29.91
CA GLU D 31 -25.18 -5.08 30.14
C GLU D 31 -24.80 -5.81 28.85
N ALA D 32 -25.27 -5.29 27.72
CA ALA D 32 -24.94 -5.81 26.39
C ALA D 32 -23.49 -5.49 26.02
N ALA D 33 -22.99 -4.35 26.49
CA ALA D 33 -21.61 -3.94 26.27
C ALA D 33 -20.63 -4.75 27.11
N ARG D 34 -21.06 -5.11 28.33
CA ARG D 34 -20.26 -5.96 29.21
C ARG D 34 -20.19 -7.39 28.70
N ASN D 35 -21.28 -7.85 28.10
CA ASN D 35 -21.41 -9.21 27.62
C ASN D 35 -20.55 -9.49 26.38
N ASP D 36 -20.64 -8.61 25.38
CA ASP D 36 -19.87 -8.74 24.13
C ASP D 36 -18.35 -8.67 24.35
N GLN D 37 -17.94 -7.86 25.32
CA GLN D 37 -16.53 -7.72 25.68
C GLN D 37 -15.98 -8.96 26.36
N ALA D 38 -16.75 -9.51 27.30
CA ALA D 38 -16.35 -10.70 28.06
C ALA D 38 -16.37 -11.98 27.23
N THR D 39 -17.18 -11.98 26.17
CA THR D 39 -17.34 -13.16 25.31
C THR D 39 -16.58 -13.02 23.98
N GLY D 40 -16.03 -11.83 23.75
CA GLY D 40 -15.17 -11.58 22.60
C GLY D 40 -15.86 -11.51 21.24
N THR D 41 -17.17 -11.23 21.25
CA THR D 41 -17.98 -11.17 20.03
C THR D 41 -17.89 -9.79 19.35
N CYS D 42 -17.57 -9.77 18.05
CA CYS D 42 -17.73 -8.57 17.22
C CYS D 42 -19.25 -8.51 16.97
N PRO D 43 -19.93 -7.48 17.53
CA PRO D 43 -21.40 -7.40 17.49
C PRO D 43 -21.99 -7.20 16.09
N PHE D 44 -21.13 -6.90 15.12
CA PHE D 44 -21.56 -6.58 13.75
C PHE D 44 -21.69 -7.82 12.88
N LEU D 45 -20.79 -8.78 13.09
CA LEU D 45 -20.86 -10.06 12.37
C LEU D 45 -22.00 -10.93 12.90
N THR D 46 -22.20 -10.92 14.22
CA THR D 46 -23.25 -11.71 14.85
C THR D 46 -24.66 -11.21 14.52
N ALA D 47 -24.77 -9.95 14.10
CA ALA D 47 -26.06 -9.35 13.75
C ALA D 47 -26.36 -9.50 12.25
N ALA D 48 -25.30 -9.57 11.44
CA ALA D 48 -25.44 -9.66 9.99
C ALA D 48 -25.90 -11.04 9.52
N LYS D 49 -25.36 -12.10 10.13
CA LYS D 49 -25.77 -13.46 9.78
C LYS D 49 -26.52 -14.17 10.90
N LEU D 50 -26.93 -13.40 11.91
CA LEU D 50 -27.75 -13.88 13.04
C LEU D 50 -27.17 -15.11 13.76
N VAL D 51 -25.84 -15.25 13.72
CA VAL D 51 -25.14 -16.34 14.40
C VAL D 51 -23.96 -15.76 15.18
N GLU D 52 -23.82 -16.18 16.43
CA GLU D 52 -22.73 -15.70 17.31
C GLU D 52 -21.36 -15.90 16.65
N THR D 53 -20.61 -14.81 16.56
CA THR D 53 -19.30 -14.80 15.91
C THR D 53 -18.34 -13.89 16.68
N SER D 54 -17.20 -14.44 17.09
CA SER D 54 -16.16 -13.66 17.78
C SER D 54 -15.32 -12.85 16.79
N CYS D 55 -14.58 -11.85 17.28
CA CYS D 55 -13.75 -11.01 16.40
C CYS D 55 -12.72 -11.88 15.68
N VAL D 56 -12.50 -11.57 14.40
CA VAL D 56 -11.63 -12.36 13.54
C VAL D 56 -10.15 -12.05 13.77
N LYS D 57 -9.89 -11.03 14.58
CA LYS D 57 -8.54 -10.52 14.78
C LYS D 57 -7.68 -11.46 15.62
N ALA D 58 -6.36 -11.38 15.43
CA ALA D 58 -5.41 -12.14 16.21
C ALA D 58 -5.30 -11.58 17.63
N GLU D 59 -4.71 -12.36 18.52
CA GLU D 59 -4.59 -12.01 19.94
C GLU D 59 -4.04 -10.59 20.20
N THR D 60 -3.07 -10.18 19.40
CA THR D 60 -2.36 -8.90 19.60
C THR D 60 -3.20 -7.66 19.37
N SER D 61 -4.33 -7.81 18.66
CA SER D 61 -5.23 -6.69 18.39
C SER D 61 -6.71 -7.07 18.54
N ARG D 62 -6.98 -8.17 19.22
CA ARG D 62 -8.34 -8.72 19.35
C ARG D 62 -9.27 -7.77 20.11
N GLY D 63 -10.37 -7.40 19.45
CA GLY D 63 -11.37 -6.53 20.06
C GLY D 63 -11.20 -5.06 19.72
N VAL D 64 -10.01 -4.68 19.26
CA VAL D 64 -9.74 -3.29 18.91
C VAL D 64 -10.39 -2.98 17.55
N CYS D 65 -11.66 -2.60 17.62
CA CYS D 65 -12.45 -2.33 16.41
C CYS D 65 -12.34 -0.84 15.99
N VAL D 66 -11.95 0.04 16.92
CA VAL D 66 -11.75 1.49 16.64
C VAL D 66 -10.64 2.09 17.52
N VAL D 67 -9.86 3.03 16.97
CA VAL D 67 -8.78 3.73 17.70
C VAL D 67 -8.92 5.26 17.58
N ASN D 68 -8.63 5.97 18.67
CA ASN D 68 -8.75 7.44 18.72
C ASN D 68 -7.41 8.17 18.79
N THR D 69 -7.24 9.15 17.91
CA THR D 69 -5.97 9.87 17.73
C THR D 69 -6.22 11.36 17.45
N ALA D 70 -5.21 12.18 17.72
CA ALA D 70 -5.22 13.58 17.31
C ALA D 70 -4.22 13.86 16.19
N VAL D 71 -4.72 14.42 15.09
CA VAL D 71 -3.87 14.95 14.02
C VAL D 71 -4.23 16.41 13.74
N ASP D 72 -3.20 17.26 13.67
CA ASP D 72 -3.36 18.72 13.54
C ASP D 72 -4.21 19.32 14.66
N ASN D 73 -3.99 18.84 15.88
CA ASN D 73 -4.62 19.35 17.11
C ASN D 73 -6.14 19.14 17.25
N GLU D 74 -6.70 18.24 16.45
CA GLU D 74 -8.11 17.85 16.58
C GLU D 74 -8.30 16.33 16.65
N ARG D 75 -9.34 15.92 17.37
CA ARG D 75 -9.61 14.51 17.68
C ARG D 75 -10.28 13.79 16.51
N TYR D 76 -9.93 12.51 16.33
CA TYR D 76 -10.54 11.68 15.28
C TYR D 76 -10.70 10.22 15.71
N ASP D 77 -11.82 9.63 15.33
CA ASP D 77 -12.05 8.19 15.50
C ASP D 77 -11.61 7.47 14.23
N TRP D 78 -10.65 6.56 14.36
CA TRP D 78 -10.20 5.75 13.23
C TRP D 78 -10.72 4.33 13.36
N LEU D 79 -11.60 3.95 12.43
CA LEU D 79 -12.03 2.56 12.30
C LEU D 79 -10.82 1.75 11.85
N VAL D 80 -10.63 0.58 12.44
CA VAL D 80 -9.44 -0.24 12.20
C VAL D 80 -9.79 -1.71 11.89
N CYS D 81 -11.04 -1.94 11.51
CA CYS D 81 -11.58 -3.28 11.27
C CYS D 81 -12.66 -3.07 10.20
N PRO D 82 -12.51 -3.72 9.02
CA PRO D 82 -13.55 -3.65 7.99
C PRO D 82 -14.92 -4.18 8.44
N ASN D 83 -14.92 -5.02 9.46
CA ASN D 83 -16.16 -5.56 10.03
C ASN D 83 -16.91 -4.55 10.90
N ARG D 84 -16.20 -3.54 11.39
CA ARG D 84 -16.80 -2.44 12.15
C ARG D 84 -17.65 -1.58 11.21
N ALA D 85 -17.27 -1.55 9.94
CA ALA D 85 -18.07 -0.87 8.91
C ALA D 85 -19.16 -1.77 8.30
N LEU D 86 -19.25 -3.00 8.78
CA LEU D 86 -20.28 -3.93 8.31
C LEU D 86 -21.66 -3.50 8.83
N ASP D 87 -22.32 -2.67 8.05
CA ASP D 87 -23.61 -2.10 8.40
C ASP D 87 -24.57 -2.21 7.21
N PRO D 88 -25.28 -3.34 7.10
CA PRO D 88 -26.26 -3.58 6.03
C PRO D 88 -27.29 -2.47 5.87
N LEU D 89 -27.68 -1.85 6.98
CA LEU D 89 -28.62 -0.73 6.97
C LEU D 89 -28.05 0.47 6.19
N PHE D 90 -26.77 0.78 6.44
CA PHE D 90 -26.09 1.89 5.77
C PHE D 90 -25.86 1.59 4.30
N MET D 91 -25.46 0.36 3.98
CA MET D 91 -25.10 -0.03 2.62
C MET D 91 -26.30 -0.06 1.67
N SER D 92 -27.48 -0.36 2.22
CA SER D 92 -28.72 -0.36 1.44
C SER D 92 -29.09 1.05 1.00
N ALA D 93 -28.88 2.03 1.89
CA ALA D 93 -29.14 3.43 1.59
C ALA D 93 -28.15 3.94 0.54
N ALA D 94 -26.91 3.47 0.64
CA ALA D 94 -25.86 3.82 -0.31
C ALA D 94 -26.10 3.16 -1.68
N SER D 95 -26.69 1.96 -1.67
CA SER D 95 -27.00 1.24 -2.90
C SER D 95 -28.10 1.93 -3.71
N ARG D 96 -29.01 2.60 -3.02
CA ARG D 96 -30.08 3.37 -3.65
C ARG D 96 -29.50 4.44 -4.59
N LYS D 97 -28.43 5.09 -4.15
CA LYS D 97 -27.70 6.05 -4.97
C LYS D 97 -27.01 5.37 -6.15
N LEU D 98 -26.51 4.16 -5.94
CA LEU D 98 -25.82 3.40 -7.00
C LEU D 98 -26.77 2.91 -8.09
N PHE D 99 -27.91 2.35 -7.69
CA PHE D 99 -28.87 1.80 -8.64
C PHE D 99 -29.88 2.82 -9.14
N GLY D 100 -29.95 3.97 -8.48
CA GLY D 100 -30.83 5.06 -8.88
C GLY D 100 -32.23 4.96 -8.31
N TYR D 101 -32.32 4.60 -7.04
CA TYR D 101 -33.59 4.57 -6.33
C TYR D 101 -33.77 5.87 -5.55
N GLY D 102 -35.02 6.33 -5.47
CA GLY D 102 -35.37 7.48 -4.65
C GLY D 102 -35.21 7.19 -3.16
N PRO D 103 -35.32 8.23 -2.32
CA PRO D 103 -35.15 8.05 -0.88
C PRO D 103 -36.28 7.24 -0.22
N THR D 104 -37.47 7.29 -0.80
CA THR D 104 -38.65 6.62 -0.25
C THR D 104 -39.36 5.71 -1.25
N GLU D 105 -38.69 4.62 -1.63
CA GLU D 105 -39.28 3.58 -2.48
C GLU D 105 -38.83 2.18 -2.05
N PRO D 106 -39.73 1.18 -2.15
CA PRO D 106 -39.53 -0.17 -1.61
C PRO D 106 -38.21 -0.83 -2.04
N LEU D 107 -37.50 -1.42 -1.08
CA LEU D 107 -36.21 -2.05 -1.32
C LEU D 107 -35.93 -3.15 -0.29
N GLN D 108 -35.64 -4.35 -0.78
CA GLN D 108 -35.15 -5.44 0.07
C GLN D 108 -33.65 -5.65 -0.14
N PHE D 109 -32.90 -5.58 0.95
CA PHE D 109 -31.44 -5.69 0.93
C PHE D 109 -31.01 -6.92 1.74
N ILE D 110 -30.71 -8.01 1.03
CA ILE D 110 -30.45 -9.30 1.66
C ILE D 110 -29.05 -9.84 1.40
N ALA D 111 -28.52 -10.58 2.37
CA ALA D 111 -27.25 -11.27 2.21
C ALA D 111 -27.43 -12.48 1.31
N ALA D 112 -26.44 -12.74 0.47
CA ALA D 112 -26.47 -13.86 -0.47
C ALA D 112 -26.64 -15.26 0.16
N PRO D 113 -26.00 -15.52 1.32
CA PRO D 113 -26.21 -16.80 2.02
C PRO D 113 -27.68 -17.20 2.22
N THR D 114 -28.55 -16.22 2.42
CA THR D 114 -29.98 -16.48 2.66
C THR D 114 -30.68 -17.14 1.46
N LEU D 115 -30.15 -16.94 0.26
CA LEU D 115 -30.70 -17.55 -0.96
C LEU D 115 -30.85 -19.08 -0.85
N ALA D 116 -30.12 -19.67 0.10
CA ALA D 116 -30.21 -21.11 0.38
C ALA D 116 -31.55 -21.52 0.98
N ASP D 117 -32.22 -20.59 1.67
CA ASP D 117 -33.51 -20.85 2.30
C ASP D 117 -34.66 -20.87 1.29
N GLN D 118 -35.59 -21.81 1.38
CA GLN D 118 -36.71 -21.76 0.44
C GLN D 118 -37.80 -20.82 0.86
N ALA D 119 -37.83 -20.43 2.12
CA ALA D 119 -38.81 -19.42 2.55
C ALA D 119 -38.54 -18.03 1.96
N VAL D 120 -37.27 -17.64 1.91
CA VAL D 120 -36.92 -16.33 1.34
C VAL D 120 -36.89 -16.34 -0.19
N ARG D 121 -36.56 -17.49 -0.78
CA ARG D 121 -36.57 -17.67 -2.24
C ARG D 121 -37.97 -17.44 -2.82
N ASP D 122 -38.99 -17.96 -2.12
CA ASP D 122 -40.38 -17.73 -2.47
C ASP D 122 -40.79 -16.28 -2.16
N GLY D 123 -40.16 -15.71 -1.13
CA GLY D 123 -40.37 -14.32 -0.75
C GLY D 123 -39.85 -13.32 -1.78
N ILE D 124 -38.74 -13.67 -2.42
CA ILE D 124 -38.15 -12.86 -3.49
C ILE D 124 -39.06 -12.84 -4.72
N ARG D 125 -39.58 -14.01 -5.08
CA ARG D 125 -40.53 -14.15 -6.19
C ARG D 125 -41.79 -13.32 -5.98
N GLU D 126 -42.21 -13.18 -4.73
CA GLU D 126 -43.36 -12.37 -4.37
C GLU D 126 -43.07 -10.88 -4.47
N TRP D 127 -41.84 -10.48 -4.14
CA TRP D 127 -41.42 -9.08 -4.24
C TRP D 127 -41.20 -8.62 -5.68
N LEU D 128 -40.68 -9.52 -6.52
CA LEU D 128 -40.32 -9.20 -7.90
C LEU D 128 -41.53 -8.88 -8.79
N ASP D 129 -42.63 -9.61 -8.60
CA ASP D 129 -43.82 -9.38 -9.41
C ASP D 129 -44.71 -8.25 -8.88
N ARG D 130 -44.30 -7.63 -7.78
CA ARG D 130 -44.96 -6.42 -7.29
C ARG D 130 -44.08 -5.16 -7.40
N GLY D 131 -43.04 -5.25 -8.23
CA GLY D 131 -42.20 -4.10 -8.58
C GLY D 131 -41.24 -3.63 -7.51
N VAL D 132 -41.16 -4.37 -6.41
CA VAL D 132 -40.22 -4.08 -5.33
C VAL D 132 -38.82 -4.54 -5.74
N HIS D 133 -37.83 -3.69 -5.50
CA HIS D 133 -36.44 -4.01 -5.84
C HIS D 133 -35.84 -5.00 -4.85
N VAL D 134 -35.09 -5.96 -5.38
CA VAL D 134 -34.40 -6.96 -4.55
C VAL D 134 -32.92 -7.03 -4.92
N VAL D 135 -32.08 -6.69 -3.95
CA VAL D 135 -30.64 -6.77 -4.15
C VAL D 135 -29.99 -7.72 -3.15
N ALA D 136 -29.26 -8.71 -3.68
CA ALA D 136 -28.49 -9.63 -2.86
C ALA D 136 -27.04 -9.19 -2.88
N TYR D 137 -26.41 -9.15 -1.70
CA TYR D 137 -25.02 -8.71 -1.60
C TYR D 137 -24.03 -9.83 -1.27
N PHE D 138 -22.85 -9.75 -1.86
CA PHE D 138 -21.76 -10.67 -1.58
C PHE D 138 -20.63 -9.93 -0.87
N GLN D 139 -20.33 -10.36 0.34
CA GLN D 139 -19.26 -9.78 1.15
C GLN D 139 -18.43 -10.95 1.71
N GLU D 140 -17.16 -10.71 2.03
CA GLU D 140 -16.24 -11.81 2.36
C GLU D 140 -16.76 -12.77 3.44
N LYS D 141 -17.42 -12.22 4.45
CA LYS D 141 -17.96 -13.03 5.54
C LYS D 141 -19.41 -13.43 5.28
N LEU D 142 -20.02 -12.82 4.27
CA LEU D 142 -21.41 -13.06 3.92
C LEU D 142 -21.54 -13.45 2.44
N GLY D 143 -21.15 -14.69 2.14
CA GLY D 143 -21.22 -15.21 0.77
C GLY D 143 -19.90 -15.20 0.02
N GLY D 144 -18.88 -14.56 0.59
CA GLY D 144 -17.58 -14.43 -0.06
C GLY D 144 -17.55 -13.38 -1.14
N GLU D 145 -16.35 -12.89 -1.46
CA GLU D 145 -16.19 -11.81 -2.43
C GLU D 145 -16.15 -12.30 -3.88
N LEU D 146 -16.55 -11.43 -4.80
CA LEU D 146 -16.43 -11.68 -6.23
C LEU D 146 -15.17 -11.00 -6.73
N SER D 147 -14.48 -11.66 -7.68
CA SER D 147 -13.26 -11.10 -8.25
C SER D 147 -13.25 -11.18 -9.78
N ILE D 148 -12.49 -10.29 -10.40
CA ILE D 148 -12.21 -10.38 -11.84
C ILE D 148 -10.75 -10.81 -12.04
N SER D 149 -10.53 -11.82 -12.87
CA SER D 149 -9.21 -12.40 -13.04
C SER D 149 -8.27 -11.54 -13.90
N LYS D 150 -6.97 -11.77 -13.73
CA LYS D 150 -5.93 -11.03 -14.45
C LYS D 150 -5.86 -11.40 -15.94
N THR D 151 -5.31 -10.48 -16.73
CA THR D 151 -4.97 -10.73 -18.13
C THR D 151 -3.53 -10.24 -18.37
N ASP D 152 -3.12 -10.21 -19.64
CA ASP D 152 -1.84 -9.61 -20.02
C ASP D 152 -1.83 -8.09 -19.85
N SER D 153 -3.02 -7.49 -19.91
CA SER D 153 -3.15 -6.03 -19.89
C SER D 153 -3.88 -5.48 -18.65
N SER D 154 -4.26 -6.37 -17.74
CA SER D 154 -5.02 -5.96 -16.56
C SER D 154 -4.74 -6.87 -15.36
N PRO D 155 -4.65 -6.28 -14.16
CA PRO D 155 -4.48 -7.07 -12.93
C PRO D 155 -5.79 -7.60 -12.34
N GLU D 156 -5.68 -8.59 -11.46
CA GLU D 156 -6.83 -9.12 -10.73
C GLU D 156 -7.35 -8.12 -9.70
N PHE D 157 -8.67 -8.08 -9.53
CA PHE D 157 -9.32 -7.24 -8.52
C PHE D 157 -10.42 -8.00 -7.77
N SER D 158 -10.60 -7.64 -6.51
CA SER D 158 -11.72 -8.12 -5.70
C SER D 158 -12.64 -6.97 -5.27
N PHE D 159 -13.92 -7.28 -5.11
CA PHE D 159 -14.89 -6.29 -4.64
C PHE D 159 -15.34 -6.61 -3.23
N ASP D 160 -15.32 -5.60 -2.36
CA ASP D 160 -15.74 -5.76 -0.97
C ASP D 160 -17.21 -6.16 -0.88
N TRP D 161 -18.08 -5.34 -1.46
CA TRP D 161 -19.50 -5.65 -1.59
C TRP D 161 -19.87 -5.63 -3.05
N THR D 162 -20.28 -6.77 -3.60
CA THR D 162 -20.88 -6.78 -4.92
C THR D 162 -22.39 -6.96 -4.77
N LEU D 163 -23.13 -6.07 -5.41
CA LEU D 163 -24.57 -5.96 -5.23
C LEU D 163 -25.31 -6.40 -6.48
N ALA D 164 -26.10 -7.47 -6.36
CA ALA D 164 -26.83 -8.03 -7.49
C ALA D 164 -28.29 -7.61 -7.49
N GLU D 165 -28.66 -6.75 -8.45
CA GLU D 165 -30.05 -6.35 -8.63
C GLU D 165 -30.82 -7.44 -9.36
N VAL D 166 -31.58 -8.22 -8.60
CA VAL D 166 -32.28 -9.40 -9.12
C VAL D 166 -33.45 -9.01 -10.03
N GLU D 167 -33.65 -9.81 -11.08
CA GLU D 167 -34.84 -9.68 -11.92
C GLU D 167 -35.63 -10.99 -12.02
N SER D 168 -34.93 -12.12 -11.90
CA SER D 168 -35.53 -13.44 -12.03
C SER D 168 -34.92 -14.44 -11.05
N ILE D 169 -35.74 -15.39 -10.59
CA ILE D 169 -35.31 -16.45 -9.68
C ILE D 169 -35.90 -17.80 -10.11
N TYR D 170 -37.10 -17.76 -10.70
CA TYR D 170 -37.90 -18.97 -10.99
C TYR D 170 -37.13 -20.19 -11.55
N PRO D 171 -36.62 -20.11 -12.80
CA PRO D 171 -35.83 -21.26 -13.24
C PRO D 171 -34.40 -21.22 -12.70
N VAL D 172 -33.70 -20.12 -12.97
CA VAL D 172 -32.32 -19.89 -12.56
C VAL D 172 -32.19 -18.40 -12.22
N PRO D 173 -31.48 -18.06 -11.12
CA PRO D 173 -31.26 -16.66 -10.75
C PRO D 173 -30.59 -15.82 -11.84
N LYS D 174 -31.19 -14.67 -12.13
CA LYS D 174 -30.68 -13.73 -13.13
C LYS D 174 -30.82 -12.30 -12.65
N ILE D 175 -29.85 -11.45 -12.99
CA ILE D 175 -29.83 -10.06 -12.51
C ILE D 175 -29.89 -9.03 -13.64
N LYS D 176 -30.49 -7.87 -13.33
CA LYS D 176 -30.55 -6.74 -14.25
C LYS D 176 -29.19 -6.05 -14.33
N ARG D 177 -28.67 -5.64 -13.18
CA ARG D 177 -27.40 -4.93 -13.07
C ARG D 177 -26.67 -5.36 -11.81
N TYR D 178 -25.37 -5.04 -11.75
CA TYR D 178 -24.62 -5.19 -10.52
C TYR D 178 -24.08 -3.84 -10.04
N GLY D 179 -23.87 -3.75 -8.73
CA GLY D 179 -23.26 -2.57 -8.11
C GLY D 179 -22.07 -3.00 -7.27
N VAL D 180 -21.16 -2.06 -7.01
CA VAL D 180 -19.98 -2.36 -6.21
C VAL D 180 -19.81 -1.34 -5.08
N LEU D 181 -19.69 -1.85 -3.85
CA LEU D 181 -19.32 -1.01 -2.72
C LEU D 181 -17.97 -1.46 -2.17
N GLU D 182 -17.04 -0.51 -2.10
CA GLU D 182 -15.72 -0.77 -1.55
C GLU D 182 -15.60 -0.10 -0.19
N ILE D 183 -15.07 -0.84 0.78
CA ILE D 183 -14.93 -0.34 2.15
C ILE D 183 -13.47 -0.14 2.48
N GLN D 184 -13.15 1.00 3.08
CA GLN D 184 -11.80 1.27 3.56
C GLN D 184 -11.84 1.93 4.93
N THR D 185 -11.08 1.37 5.88
CA THR D 185 -10.94 1.98 7.20
C THR D 185 -9.53 2.57 7.39
N MET D 186 -8.73 2.00 8.31
CA MET D 186 -7.39 2.52 8.60
C MET D 186 -6.48 1.48 9.25
N ASP D 187 -5.22 1.43 8.80
CA ASP D 187 -4.19 0.66 9.49
C ASP D 187 -3.26 1.59 10.28
N PHE D 188 -2.45 1.03 11.17
CA PHE D 188 -1.68 1.83 12.14
C PHE D 188 -0.20 1.49 12.20
N HIS D 189 0.56 2.36 12.88
CA HIS D 189 1.96 2.12 13.21
C HIS D 189 2.05 1.30 14.49
N GLY D 190 3.17 0.60 14.67
CA GLY D 190 3.43 -0.13 15.92
C GLY D 190 2.41 -1.20 16.23
N SER D 191 2.16 -1.40 17.53
CA SER D 191 1.30 -2.49 17.99
C SER D 191 0.24 -2.00 18.98
N TYR D 192 -0.81 -2.81 19.15
CA TYR D 192 -1.80 -2.58 20.19
C TYR D 192 -1.57 -3.53 21.37
N LYS D 193 -0.69 -4.51 21.16
CA LYS D 193 -0.37 -5.58 22.11
C LYS D 193 -0.35 -5.14 23.58
N HIS D 194 0.44 -4.12 23.88
CA HIS D 194 0.65 -3.67 25.25
C HIS D 194 -0.59 -3.05 25.87
N ALA D 195 -1.35 -2.32 25.05
CA ALA D 195 -2.62 -1.73 25.49
C ALA D 195 -3.70 -2.80 25.67
N VAL D 196 -3.73 -3.77 24.75
CA VAL D 196 -4.67 -4.90 24.82
C VAL D 196 -4.41 -5.76 26.06
N GLY D 197 -3.14 -6.10 26.28
CA GLY D 197 -2.74 -6.94 27.41
C GLY D 197 -2.94 -6.30 28.77
N ALA D 198 -2.89 -4.97 28.80
CA ALA D 198 -3.11 -4.20 30.03
C ALA D 198 -4.58 -4.19 30.43
N ILE D 199 -5.47 -4.22 29.44
CA ILE D 199 -6.91 -4.19 29.73
C ILE D 199 -7.55 -5.59 29.77
N ASP D 200 -6.87 -6.57 29.15
CA ASP D 200 -7.33 -7.96 29.16
C ASP D 200 -7.27 -8.54 30.58
N ILE D 201 -6.20 -8.21 31.31
CA ILE D 201 -6.03 -8.65 32.69
C ILE D 201 -7.00 -7.95 33.65
N ALA D 202 -7.50 -6.79 33.22
CA ALA D 202 -8.51 -6.05 33.97
C ALA D 202 -9.91 -6.63 33.74
N LEU D 203 -10.09 -7.29 32.59
CA LEU D 203 -11.37 -7.87 32.21
C LEU D 203 -11.71 -9.12 33.01
N VAL D 204 -10.74 -10.04 33.14
CA VAL D 204 -10.96 -11.32 33.82
C VAL D 204 -10.56 -11.35 35.29
N GLU D 205 -9.36 -10.88 35.60
CA GLU D 205 -8.79 -11.00 36.95
C GLU D 205 -9.27 -9.92 37.92
N GLY D 206 -9.83 -8.84 37.38
CA GLY D 206 -10.36 -7.74 38.18
C GLY D 206 -11.87 -7.64 38.15
N ILE D 207 -12.42 -6.90 39.11
CA ILE D 207 -13.87 -6.67 39.18
C ILE D 207 -14.23 -5.30 38.63
N ASP D 208 -15.48 -5.17 38.18
CA ASP D 208 -16.03 -3.91 37.63
C ASP D 208 -15.12 -3.28 36.57
N PHE D 209 -15.20 -3.82 35.35
CA PHE D 209 -14.32 -3.41 34.26
C PHE D 209 -14.62 -2.00 33.76
N HIS D 210 -15.88 -1.65 33.64
CA HIS D 210 -16.19 -0.35 33.10
C HIS D 210 -15.78 0.74 34.06
N GLY D 211 -15.97 0.51 35.34
CA GLY D 211 -15.64 1.52 36.34
C GLY D 211 -14.14 1.80 36.40
N TRP D 212 -13.35 0.85 35.90
CA TRP D 212 -11.90 0.95 35.92
C TRP D 212 -11.35 1.71 34.71
N LEU D 213 -12.12 1.76 33.62
CA LEU D 213 -11.65 2.36 32.36
C LEU D 213 -11.44 3.89 32.38
N PRO D 214 -12.34 4.66 33.03
CA PRO D 214 -12.18 6.11 33.00
C PRO D 214 -11.13 6.70 33.95
N THR D 215 -10.52 5.84 34.78
CA THR D 215 -9.48 6.29 35.72
C THR D 215 -8.15 6.59 35.01
N PRO D 216 -7.35 7.52 35.55
CA PRO D 216 -5.98 7.78 35.06
C PRO D 216 -5.20 6.51 34.72
N ALA D 217 -5.25 5.51 35.59
CA ALA D 217 -4.55 4.23 35.37
C ALA D 217 -5.10 3.47 34.17
N GLY D 218 -6.42 3.52 34.00
CA GLY D 218 -7.10 2.86 32.88
C GLY D 218 -6.84 3.57 31.57
N ARG D 219 -6.93 4.90 31.59
CA ARG D 219 -6.63 5.72 30.41
C ARG D 219 -5.16 5.64 30.01
N ALA D 220 -4.30 5.32 30.98
CA ALA D 220 -2.88 5.06 30.71
C ALA D 220 -2.70 3.68 30.10
N ALA D 221 -3.61 2.76 30.44
CA ALA D 221 -3.60 1.41 29.90
C ALA D 221 -4.13 1.36 28.47
N LEU D 222 -5.20 2.10 28.20
CA LEU D 222 -5.77 2.20 26.86
C LEU D 222 -4.83 2.88 25.86
N SER D 223 -3.84 3.59 26.39
CA SER D 223 -2.92 4.38 25.57
C SER D 223 -1.49 3.84 25.58
N LYS D 224 -1.30 2.69 26.23
CA LYS D 224 0.04 2.12 26.40
C LYS D 224 0.68 1.74 25.07
N LYS D 225 1.72 2.49 24.71
CA LYS D 225 2.45 2.34 23.44
C LYS D 225 1.54 2.36 22.20
N MET D 226 0.45 3.09 22.27
CA MET D 226 -0.45 3.27 21.13
C MET D 226 0.08 4.37 20.22
N GLU D 227 0.24 4.05 18.94
CA GLU D 227 0.78 4.98 17.95
C GLU D 227 -0.30 5.51 17.01
N GLY D 228 0.13 6.24 15.97
CA GLY D 228 -0.78 6.94 15.08
C GLY D 228 -1.17 6.20 13.82
N PRO D 229 -2.18 6.73 13.09
CA PRO D 229 -2.70 6.13 11.86
C PRO D 229 -1.73 6.15 10.68
N ASN D 230 -1.80 5.11 9.86
CA ASN D 230 -0.95 5.00 8.67
C ASN D 230 -1.63 5.68 7.48
N LEU D 231 -1.65 7.01 7.54
CA LEU D 231 -2.46 7.85 6.64
C LEU D 231 -2.13 7.72 5.17
N SER D 232 -0.86 7.94 4.82
CA SER D 232 -0.44 7.95 3.41
C SER D 232 -0.52 6.55 2.79
N ASN D 233 -0.25 5.53 3.60
CA ASN D 233 -0.40 4.13 3.20
C ASN D 233 -1.80 3.83 2.66
N VAL D 234 -2.82 4.25 3.41
CA VAL D 234 -4.21 4.00 3.04
C VAL D 234 -4.58 4.74 1.76
N PHE D 235 -4.14 5.99 1.61
CA PHE D 235 -4.40 6.72 0.38
C PHE D 235 -3.77 6.05 -0.84
N LYS D 236 -2.53 5.59 -0.69
CA LYS D 236 -1.84 4.91 -1.80
C LYS D 236 -2.64 3.72 -2.29
N ARG D 237 -3.02 2.84 -1.35
CA ARG D 237 -3.75 1.63 -1.66
C ARG D 237 -5.15 1.89 -2.22
N THR D 238 -5.83 2.89 -1.67
CA THR D 238 -7.23 3.14 -2.03
C THR D 238 -7.38 3.97 -3.31
N PHE D 239 -6.56 5.02 -3.45
CA PHE D 239 -6.59 5.85 -4.65
C PHE D 239 -6.54 5.01 -5.93
N TYR D 240 -5.56 4.10 -6.01
CA TYR D 240 -5.42 3.20 -7.14
C TYR D 240 -6.69 2.40 -7.42
N GLN D 241 -7.28 1.85 -6.35
CA GLN D 241 -8.53 1.10 -6.47
C GLN D 241 -9.69 1.98 -6.91
N MET D 242 -9.70 3.24 -6.46
CA MET D 242 -10.70 4.19 -6.90
C MET D 242 -10.59 4.46 -8.40
N ALA D 243 -9.44 4.97 -8.83
CA ALA D 243 -9.22 5.29 -10.24
C ALA D 243 -9.53 4.12 -11.18
N TYR D 244 -9.09 2.92 -10.79
CA TYR D 244 -9.28 1.73 -11.63
C TYR D 244 -10.73 1.23 -11.62
N LYS D 245 -11.30 1.04 -10.42
CA LYS D 245 -12.66 0.50 -10.29
C LYS D 245 -13.77 1.47 -10.68
N PHE D 246 -13.51 2.78 -10.58
CA PHE D 246 -14.46 3.77 -11.07
C PHE D 246 -14.53 3.73 -12.59
N ALA D 247 -13.39 3.51 -13.24
CA ALA D 247 -13.33 3.32 -14.69
C ALA D 247 -14.06 2.06 -15.12
N LEU D 248 -13.93 1.00 -14.32
CA LEU D 248 -14.65 -0.25 -14.54
C LEU D 248 -16.17 -0.11 -14.42
N SER D 249 -16.61 0.90 -13.67
CA SER D 249 -18.04 1.17 -13.46
C SER D 249 -18.74 1.63 -14.74
N GLY D 250 -17.97 2.15 -15.70
CA GLY D 250 -18.49 2.60 -16.98
C GLY D 250 -19.20 1.51 -17.77
N HIS D 251 -18.91 0.25 -17.43
CA HIS D 251 -19.56 -0.92 -18.01
C HIS D 251 -21.08 -0.79 -17.92
N GLN D 252 -21.76 -1.16 -19.00
CA GLN D 252 -23.21 -0.95 -19.16
C GLN D 252 -24.05 -1.74 -18.16
N ARG D 253 -23.54 -2.90 -17.74
CA ARG D 253 -24.23 -3.75 -16.78
C ARG D 253 -23.90 -3.36 -15.33
N CYS D 254 -22.98 -2.41 -15.16
CA CYS D 254 -22.64 -1.90 -13.84
C CYS D 254 -23.39 -0.60 -13.55
N ALA D 255 -24.25 -0.64 -12.55
CA ALA D 255 -25.05 0.53 -12.17
C ALA D 255 -24.18 1.64 -11.60
N GLY D 256 -23.20 1.26 -10.78
CA GLY D 256 -22.28 2.22 -10.19
C GLY D 256 -21.45 1.61 -9.08
N THR D 257 -20.32 2.24 -8.80
CA THR D 257 -19.44 1.82 -7.70
C THR D 257 -19.25 2.95 -6.70
N GLY D 258 -19.27 2.59 -5.41
CA GLY D 258 -19.09 3.55 -4.33
C GLY D 258 -18.04 3.11 -3.32
N PHE D 259 -17.28 4.07 -2.81
CA PHE D 259 -16.27 3.82 -1.79
C PHE D 259 -16.71 4.42 -0.46
N ALA D 260 -16.80 3.59 0.57
CA ALA D 260 -17.27 4.04 1.89
C ALA D 260 -16.11 4.21 2.87
N ILE D 261 -15.95 5.43 3.37
CA ILE D 261 -14.83 5.80 4.24
C ILE D 261 -15.28 6.66 5.44
N PRO D 262 -14.66 6.46 6.61
CA PRO D 262 -14.92 7.34 7.76
C PRO D 262 -14.46 8.77 7.53
N GLN D 263 -15.11 9.72 8.22
CA GLN D 263 -14.78 11.14 8.09
C GLN D 263 -13.29 11.40 8.31
N SER D 264 -12.74 10.78 9.35
CA SER D 264 -11.33 10.92 9.71
C SER D 264 -10.40 10.70 8.53
N VAL D 265 -10.63 9.62 7.77
CA VAL D 265 -9.76 9.28 6.64
C VAL D 265 -9.99 10.20 5.44
N TRP D 266 -11.20 10.72 5.30
CA TRP D 266 -11.50 11.69 4.25
C TRP D 266 -10.78 13.01 4.50
N LYS D 267 -10.74 13.43 5.76
CA LYS D 267 -10.02 14.65 6.15
C LYS D 267 -8.52 14.51 5.90
N SER D 268 -8.00 13.30 6.06
CA SER D 268 -6.58 13.02 5.81
C SER D 268 -6.26 12.98 4.32
N TRP D 269 -7.30 12.83 3.51
CA TRP D 269 -7.16 12.74 2.05
C TRP D 269 -7.14 14.11 1.38
N LEU D 270 -7.55 15.14 2.11
CA LEU D 270 -7.65 16.49 1.55
C LEU D 270 -6.31 17.05 1.04
N ARG D 271 -5.24 16.83 1.81
CA ARG D 271 -3.91 17.26 1.38
C ARG D 271 -3.40 16.42 0.19
N HIS D 272 -3.90 15.20 0.07
CA HIS D 272 -3.56 14.32 -1.05
C HIS D 272 -4.30 14.74 -2.32
N LEU D 273 -5.38 15.50 -2.16
CA LEU D 273 -6.21 15.93 -3.29
C LEU D 273 -6.11 17.43 -3.55
N ALA D 274 -4.94 17.99 -3.24
CA ALA D 274 -4.63 19.41 -3.43
C ALA D 274 -5.65 20.36 -2.77
N ASN D 275 -6.07 19.99 -1.56
CA ASN D 275 -7.10 20.73 -0.81
C ASN D 275 -8.32 21.10 -1.69
N PRO D 276 -9.16 20.11 -1.99
CA PRO D 276 -10.25 20.31 -2.95
C PRO D 276 -11.45 21.05 -2.35
N THR D 277 -12.22 21.70 -3.22
CA THR D 277 -13.44 22.39 -2.80
C THR D 277 -14.68 21.73 -3.43
N LEU D 278 -15.53 21.17 -2.58
CA LEU D 278 -16.70 20.41 -3.02
C LEU D 278 -17.82 21.31 -3.53
N ILE D 279 -18.36 20.96 -4.68
CA ILE D 279 -19.46 21.72 -5.29
C ILE D 279 -20.81 21.22 -4.75
N ASP D 280 -21.53 22.13 -4.11
CA ASP D 280 -22.82 21.80 -3.50
C ASP D 280 -23.92 21.71 -4.57
N ASN D 281 -24.52 20.53 -4.70
CA ASN D 281 -25.57 20.30 -5.68
C ASN D 281 -26.96 20.73 -5.20
N GLY D 282 -27.09 20.99 -3.90
CA GLY D 282 -28.36 21.41 -3.30
C GLY D 282 -29.39 20.30 -3.25
N ASP D 283 -28.93 19.07 -3.05
CA ASP D 283 -29.78 17.88 -3.04
C ASP D 283 -29.24 16.85 -2.04
N GLY D 284 -28.61 17.34 -0.97
CA GLY D 284 -27.96 16.49 0.02
C GLY D 284 -26.74 15.79 -0.52
N THR D 285 -26.19 16.33 -1.60
CA THR D 285 -25.09 15.71 -2.33
C THR D 285 -24.07 16.75 -2.80
N PHE D 286 -22.80 16.35 -2.80
CA PHE D 286 -21.71 17.20 -3.27
C PHE D 286 -21.02 16.55 -4.47
N SER D 287 -20.20 17.33 -5.17
CA SER D 287 -19.53 16.84 -6.38
C SER D 287 -18.05 17.25 -6.43
N LEU D 288 -17.19 16.29 -6.76
CA LEU D 288 -15.76 16.52 -6.90
C LEU D 288 -15.39 16.61 -8.38
N GLY D 289 -15.46 17.82 -8.93
CA GLY D 289 -15.27 18.05 -10.35
C GLY D 289 -16.60 18.19 -11.07
N ASP D 290 -16.57 18.20 -12.40
CA ASP D 290 -17.77 18.36 -13.21
C ASP D 290 -18.41 17.00 -13.52
N THR D 291 -19.58 16.76 -12.92
CA THR D 291 -20.31 15.50 -13.13
C THR D 291 -21.64 15.68 -13.86
N ARG D 292 -21.68 16.66 -14.77
CA ARG D 292 -22.86 16.89 -15.61
C ARG D 292 -23.03 15.76 -16.63
N ASN D 293 -22.10 15.69 -17.58
CA ASN D 293 -22.17 14.74 -18.69
C ASN D 293 -21.73 13.33 -18.29
N ASP D 294 -21.37 12.52 -19.28
CA ASP D 294 -20.97 11.10 -19.12
C ASP D 294 -20.85 10.63 -17.68
N SER D 295 -21.81 9.80 -17.27
CA SER D 295 -21.90 9.33 -15.89
C SER D 295 -21.30 7.94 -15.71
N GLU D 296 -20.21 7.89 -14.93
CA GLU D 296 -19.62 6.63 -14.51
C GLU D 296 -20.40 6.14 -13.28
N ASN D 297 -21.23 7.04 -12.75
CA ASN D 297 -21.94 6.86 -11.48
C ASN D 297 -21.00 6.44 -10.34
N ALA D 298 -19.97 7.25 -10.13
CA ALA D 298 -18.92 6.98 -9.16
C ALA D 298 -19.12 7.80 -7.89
N TRP D 299 -19.03 7.13 -6.74
CA TRP D 299 -19.34 7.76 -5.46
C TRP D 299 -18.29 7.56 -4.37
N ILE D 300 -18.14 8.57 -3.52
CA ILE D 300 -17.45 8.40 -2.24
C ILE D 300 -18.48 8.70 -1.15
N PHE D 301 -18.81 7.67 -0.36
CA PHE D 301 -19.71 7.82 0.77
C PHE D 301 -18.89 8.00 2.04
N VAL D 302 -18.87 9.22 2.56
CA VAL D 302 -18.15 9.53 3.79
C VAL D 302 -19.13 9.48 4.96
N PHE D 303 -18.82 8.61 5.93
CA PHE D 303 -19.71 8.36 7.06
C PHE D 303 -19.06 8.65 8.42
N GLU D 304 -19.89 8.81 9.43
CA GLU D 304 -19.45 8.96 10.81
C GLU D 304 -19.96 7.82 11.66
N LEU D 305 -19.36 7.63 12.82
CA LEU D 305 -19.94 6.80 13.87
C LEU D 305 -20.96 7.68 14.58
N ASP D 306 -22.23 7.30 14.46
CA ASP D 306 -23.37 8.10 14.94
C ASP D 306 -23.18 8.57 16.38
N PRO D 307 -23.01 9.90 16.57
CA PRO D 307 -22.86 10.45 17.92
C PRO D 307 -24.20 10.76 18.61
N ASP D 308 -25.29 10.76 17.84
CA ASP D 308 -26.61 11.12 18.37
C ASP D 308 -27.25 9.99 19.18
N THR D 309 -27.50 8.85 18.53
CA THR D 309 -28.08 7.69 19.19
C THR D 309 -27.06 7.04 20.14
N ASP D 310 -27.51 6.73 21.35
CA ASP D 310 -26.65 6.07 22.33
C ASP D 310 -26.98 4.58 22.49
N ALA D 311 -27.07 3.90 21.36
CA ALA D 311 -27.10 2.43 21.33
C ALA D 311 -25.67 1.91 21.55
N SER D 312 -25.55 0.66 21.99
CA SER D 312 -24.28 0.09 22.44
C SER D 312 -23.17 0.10 21.36
N PRO D 313 -23.42 -0.50 20.18
CA PRO D 313 -22.55 -0.15 19.07
C PRO D 313 -23.19 0.96 18.23
N ARG D 314 -22.52 2.09 18.12
CA ARG D 314 -23.08 3.21 17.35
C ARG D 314 -22.95 2.97 15.85
N PRO D 315 -24.09 2.93 15.14
CA PRO D 315 -24.13 2.57 13.71
C PRO D 315 -23.57 3.66 12.82
N LEU D 316 -23.40 3.36 11.54
CA LEU D 316 -22.89 4.33 10.58
C LEU D 316 -23.99 5.29 10.14
N ALA D 317 -23.66 6.58 10.14
CA ALA D 317 -24.58 7.63 9.72
C ALA D 317 -23.95 8.47 8.61
N PRO D 318 -24.72 8.79 7.55
CA PRO D 318 -24.22 9.60 6.45
C PRO D 318 -23.66 10.96 6.90
N HIS D 319 -22.44 11.26 6.48
CA HIS D 319 -21.82 12.56 6.79
C HIS D 319 -21.65 13.39 5.53
N LEU D 320 -21.19 12.75 4.46
CA LEU D 320 -20.89 13.43 3.21
C LEU D 320 -21.07 12.46 2.05
N GLU D 321 -21.88 12.86 1.07
CA GLU D 321 -22.22 12.01 -0.06
C GLU D 321 -21.72 12.66 -1.35
N ILE D 322 -20.63 12.12 -1.90
CA ILE D 322 -19.89 12.77 -2.98
C ILE D 322 -19.93 12.02 -4.30
N ARG D 323 -20.33 12.72 -5.36
CA ARG D 323 -20.17 12.25 -6.73
C ARG D 323 -18.78 12.64 -7.22
N VAL D 324 -18.05 11.70 -7.80
CA VAL D 324 -16.70 11.98 -8.29
C VAL D 324 -16.56 11.87 -9.82
N ASN D 325 -15.93 12.89 -10.39
CA ASN D 325 -15.41 12.82 -11.75
C ASN D 325 -14.03 12.19 -11.67
N VAL D 326 -13.90 10.97 -12.20
CA VAL D 326 -12.68 10.17 -12.09
C VAL D 326 -11.44 10.90 -12.61
N ASP D 327 -11.59 11.58 -13.74
CA ASP D 327 -10.50 12.30 -14.38
C ASP D 327 -10.00 13.47 -13.52
N THR D 328 -10.91 14.08 -12.76
CA THR D 328 -10.58 15.15 -11.83
C THR D 328 -9.86 14.61 -10.60
N LEU D 329 -10.31 13.45 -10.11
CA LEU D 329 -9.67 12.77 -8.99
C LEU D 329 -8.22 12.44 -9.28
N ILE D 330 -7.96 11.94 -10.49
CA ILE D 330 -6.60 11.64 -10.96
C ILE D 330 -5.78 12.94 -11.06
N ASP D 331 -6.38 13.98 -11.62
CA ASP D 331 -5.72 15.27 -11.83
C ASP D 331 -5.32 15.94 -10.51
N LEU D 332 -6.25 15.96 -9.55
CA LEU D 332 -6.00 16.56 -8.24
C LEU D 332 -4.84 15.90 -7.50
N ALA D 333 -4.83 14.57 -7.49
CA ALA D 333 -3.86 13.79 -6.72
C ALA D 333 -2.47 13.73 -7.36
N LEU D 334 -2.43 13.67 -8.69
CA LEU D 334 -1.17 13.41 -9.39
C LEU D 334 -0.59 14.60 -10.17
N ARG D 335 -1.37 15.66 -10.32
CA ARG D 335 -0.91 16.85 -11.06
C ARG D 335 -1.09 18.15 -10.29
N GLU D 336 -2.28 18.37 -9.74
CA GLU D 336 -2.60 19.57 -8.96
C GLU D 336 -1.78 19.67 -7.67
N SER D 337 -1.77 18.57 -6.89
CA SER D 337 -1.05 18.52 -5.61
C SER D 337 0.46 18.71 -5.75
N PRO D 338 1.11 17.95 -6.65
CA PRO D 338 2.55 18.19 -6.90
C PRO D 338 2.87 19.64 -7.32
N ARG D 339 1.97 20.27 -8.07
CA ARG D 339 2.14 21.66 -8.48
C ARG D 339 2.04 22.65 -7.31
N ALA D 340 1.25 22.28 -6.31
CA ALA D 340 1.13 23.09 -5.09
C ALA D 340 2.41 22.98 -4.25
N ALA D 341 3.02 21.80 -4.24
CA ALA D 341 4.28 21.57 -3.53
C ALA D 341 5.47 22.27 -4.20
N LEU D 342 5.35 22.54 -5.50
CA LEU D 342 6.40 23.23 -6.24
C LEU D 342 6.20 24.74 -6.25
N GLY D 343 5.05 25.19 -5.74
CA GLY D 343 4.70 26.60 -5.73
C GLY D 343 5.49 27.43 -4.73
N PRO D 344 5.25 28.76 -4.71
CA PRO D 344 5.93 29.68 -3.79
C PRO D 344 5.67 29.31 -2.33
N SER D 345 6.72 29.39 -1.51
CA SER D 345 6.67 28.97 -0.10
C SER D 345 6.40 27.47 0.07
N GLY D 346 6.50 26.71 -1.02
CA GLY D 346 6.36 25.26 -0.98
C GLY D 346 7.60 24.59 -0.41
N PRO D 347 7.49 23.30 -0.06
CA PRO D 347 8.59 22.54 0.55
C PRO D 347 9.78 22.32 -0.38
N VAL D 348 9.52 22.21 -1.69
CA VAL D 348 10.56 21.97 -2.68
C VAL D 348 11.41 23.22 -2.89
N ALA D 349 10.79 24.39 -2.75
CA ALA D 349 11.49 25.67 -2.88
C ALA D 349 12.65 25.81 -1.91
N THR D 350 12.47 25.30 -0.69
CA THR D 350 13.50 25.39 0.34
C THR D 350 14.33 24.10 0.49
N PHE D 351 14.08 23.13 -0.38
CA PHE D 351 14.74 21.83 -0.32
C PHE D 351 16.25 21.89 -0.58
N THR D 352 16.67 22.81 -1.45
CA THR D 352 18.09 22.97 -1.77
C THR D 352 18.90 23.45 -0.56
N ASP D 353 18.27 24.30 0.26
CA ASP D 353 18.89 24.80 1.49
C ASP D 353 18.93 23.68 2.54
N LYS D 354 17.90 22.85 2.54
CA LYS D 354 17.81 21.71 3.46
C LYS D 354 18.95 20.72 3.25
N VAL D 355 19.25 20.40 1.99
CA VAL D 355 20.35 19.49 1.65
C VAL D 355 21.68 20.03 2.18
N GLU D 356 21.90 21.33 1.97
CA GLU D 356 23.11 22.01 2.43
C GLU D 356 23.20 22.06 3.96
N ALA D 357 22.06 22.23 4.61
CA ALA D 357 21.98 22.25 6.07
C ALA D 357 22.23 20.86 6.67
N ARG D 358 21.71 19.83 6.02
CA ARG D 358 21.95 18.44 6.40
C ARG D 358 23.39 18.05 6.10
N MET D 359 23.97 18.71 5.10
CA MET D 359 25.35 18.50 4.69
C MET D 359 26.31 19.18 5.67
N LEU D 360 25.84 20.26 6.27
CA LEU D 360 26.64 21.06 7.21
C LEU D 360 26.71 20.47 8.62
N ARG D 361 25.82 19.50 8.90
CA ARG D 361 25.77 18.86 10.22
C ARG D 361 26.94 17.91 10.49
N PHE D 362 27.70 17.60 9.45
CA PHE D 362 28.89 16.74 9.56
C PHE D 362 30.15 17.55 9.86
N TRP D 363 30.08 18.86 9.62
CA TRP D 363 31.17 19.78 9.94
C TRP D 363 31.38 19.92 11.45
N PRO D 364 32.65 19.89 11.91
CA PRO D 364 32.97 20.04 13.33
C PRO D 364 32.73 21.45 13.86
FE FE E . 19.08 -7.70 4.74
CA CA F . 12.09 6.35 1.80
CA CA G . 10.10 3.92 -2.96
FE FE H . -13.53 -6.39 14.81
CA CA I . -11.20 -7.01 0.87
CA CA J . -11.44 -0.65 -0.73
#